data_2D11
#
_entry.id   2D11
#
_cell.length_a   68.626
_cell.length_b   144.375
_cell.length_c   177.944
_cell.angle_alpha   90.00
_cell.angle_beta   90.00
_cell.angle_gamma   90.00
#
_symmetry.space_group_name_H-M   'P 21 21 21'
#
loop_
_entity.id
_entity.type
_entity.pdbx_description
1 polymer Radixin
2 polymer 'Na(+)/H(+) exchange regulatory cofactor NHE-RF2'
3 water water
#
loop_
_entity_poly.entity_id
_entity_poly.type
_entity_poly.pdbx_seq_one_letter_code
_entity_poly.pdbx_strand_id
1 'polypeptide(L)'
;GSMPKPINVRVTTMDAELEFAIQPNTTGKQLFDQVVKTVGLREVWFFGLQYVDSKGYSTWLKLNKKVTQQDVKKENPLQF
KFRAKFFPEDVSEELIQEITQRLFFLQVKEAILNDEIYCPPETAVLLASYAVQAKYGDYNKEIHKPGYLANDRLLPQRVL
EQHKLTKEQWEERIQNWHEEHRGMLREDSMMEYLKIAQDLEMYGVNYFEIKNKKGTELWLGVDALGLNIYEHDDKLTPKI
GFPWSEIRNISFNDKKFVIKPIDKKAPDFVFYAPRLRINKRILALCMGNHELYMRRRKPDTIEVQQMKAQAR
;
A,B,C,D
2 'polypeptide(L)' KEKARAMRVNKRAPQMDWNRKREIFSNF E,F,G,H
#
# COMPACT_ATOMS: atom_id res chain seq x y z
N LYS A 5 25.74 18.54 21.36
CA LYS A 5 26.01 19.81 22.10
C LYS A 5 25.93 21.04 21.17
N PRO A 6 24.72 21.62 21.05
CA PRO A 6 23.44 21.06 21.49
C PRO A 6 22.66 20.44 20.32
N ILE A 7 21.90 19.38 20.59
CA ILE A 7 21.15 18.68 19.55
C ILE A 7 19.71 19.16 19.46
N ASN A 8 19.33 19.64 18.28
CA ASN A 8 17.95 20.05 18.00
C ASN A 8 16.99 18.89 17.99
N VAL A 9 15.78 19.15 18.47
CA VAL A 9 14.77 18.12 18.68
C VAL A 9 13.38 18.67 18.32
N ARG A 10 12.62 17.89 17.57
CA ARG A 10 11.21 18.20 17.30
C ARG A 10 10.31 17.08 17.79
N VAL A 11 9.30 17.44 18.57
CA VAL A 11 8.30 16.49 19.03
C VAL A 11 6.92 16.98 18.59
N THR A 12 6.15 16.12 17.95
CA THR A 12 4.77 16.48 17.62
C THR A 12 3.76 15.75 18.48
N THR A 13 2.88 16.51 19.11
CA THR A 13 1.63 15.97 19.63
C THR A 13 0.67 15.98 18.45
N MET A 14 -0.56 15.51 18.68
CA MET A 14 -1.54 15.43 17.60
C MET A 14 -1.95 16.81 17.03
N ASP A 15 -1.75 17.87 17.81
CA ASP A 15 -2.20 19.20 17.43
C ASP A 15 -1.09 20.26 17.32
N ALA A 16 0.08 19.98 17.90
CA ALA A 16 1.15 20.96 17.96
C ALA A 16 2.53 20.42 17.59
N GLU A 17 3.41 21.31 17.13
CA GLU A 17 4.83 21.00 17.01
C GLU A 17 5.61 21.75 18.07
N LEU A 18 6.54 21.06 18.72
CA LEU A 18 7.38 21.64 19.75
C LEU A 18 8.84 21.49 19.36
N GLU A 19 9.61 22.56 19.50
CA GLU A 19 11.03 22.49 19.20
C GLU A 19 11.84 22.63 20.47
N PHE A 20 12.72 21.68 20.70
CA PHE A 20 13.61 21.71 21.85
C PHE A 20 15.05 21.41 21.43
N ALA A 21 15.97 21.55 22.38
CA ALA A 21 17.36 21.17 22.20
C ALA A 21 17.81 20.35 23.40
N ILE A 22 18.59 19.31 23.16
CA ILE A 22 19.06 18.39 24.22
C ILE A 22 20.58 18.24 24.23
N GLN A 23 21.10 17.70 25.33
CA GLN A 23 22.52 17.40 25.44
C GLN A 23 22.80 15.90 25.24
N PRO A 24 24.06 15.53 24.94
CA PRO A 24 24.38 14.10 24.85
C PRO A 24 23.99 13.33 26.12
N ASN A 25 23.91 14.03 27.25
CA ASN A 25 23.53 13.44 28.53
C ASN A 25 22.04 13.23 28.78
N THR A 26 21.20 13.92 28.00
CA THR A 26 19.75 13.91 28.22
C THR A 26 19.15 12.51 28.15
N THR A 27 18.41 12.15 29.20
CA THR A 27 17.62 10.92 29.23
C THR A 27 16.25 11.14 28.60
N GLY A 28 15.64 10.05 28.13
CA GLY A 28 14.28 10.08 27.63
C GLY A 28 13.31 10.73 28.61
N LYS A 29 13.40 10.33 29.88
CA LYS A 29 12.57 10.85 30.98
C LYS A 29 12.54 12.38 31.01
N GLN A 30 13.69 13.00 30.79
CA GLN A 30 13.83 14.45 30.80
C GLN A 30 13.18 15.12 29.59
N LEU A 31 13.39 14.55 28.41
CA LEU A 31 12.70 15.01 27.21
C LEU A 31 11.18 14.79 27.34
N PHE A 32 10.82 13.65 27.93
CA PHE A 32 9.42 13.32 28.14
C PHE A 32 8.78 14.29 29.13
N ASP A 33 9.48 14.55 30.23
CA ASP A 33 9.00 15.48 31.27
C ASP A 33 8.89 16.89 30.71
N GLN A 34 9.71 17.21 29.72
CA GLN A 34 9.65 18.51 29.09
C GLN A 34 8.33 18.67 28.34
N VAL A 35 7.99 17.65 27.54
CA VAL A 35 6.77 17.65 26.76
C VAL A 35 5.55 17.87 27.65
N VAL A 36 5.41 17.07 28.71
CA VAL A 36 4.25 17.20 29.61
C VAL A 36 4.19 18.53 30.36
N LYS A 37 5.34 19.15 30.57
CA LYS A 37 5.39 20.48 31.17
C LYS A 37 4.87 21.52 30.17
N THR A 38 5.27 21.36 28.90
CA THR A 38 4.87 22.27 27.82
C THR A 38 3.39 22.10 27.50
N VAL A 39 2.92 20.86 27.57
CA VAL A 39 1.57 20.52 27.16
C VAL A 39 0.59 20.65 28.33
N GLY A 40 1.12 20.68 29.55
CA GLY A 40 0.31 20.81 30.78
C GLY A 40 -0.42 19.53 31.15
N LEU A 41 0.23 18.38 30.96
CA LEU A 41 -0.41 17.09 31.17
C LEU A 41 -0.15 16.50 32.56
N ARG A 42 -1.21 16.02 33.20
CA ARG A 42 -1.08 15.47 34.56
C ARG A 42 -1.25 13.95 34.62
N GLU A 43 -1.97 13.39 33.65
CA GLU A 43 -2.10 11.93 33.54
C GLU A 43 -1.05 11.32 32.59
N VAL A 44 0.21 11.40 33.02
CA VAL A 44 1.35 11.03 32.18
C VAL A 44 1.48 9.52 31.89
N TRP A 45 0.90 8.69 32.75
CA TRP A 45 1.03 7.23 32.66
C TRP A 45 0.64 6.65 31.30
N PHE A 46 -0.30 7.30 30.62
CA PHE A 46 -0.85 6.82 29.34
C PHE A 46 0.07 7.02 28.14
N PHE A 47 1.08 7.88 28.29
CA PHE A 47 1.79 8.41 27.12
C PHE A 47 3.24 7.99 27.00
N GLY A 48 3.81 8.25 25.84
CA GLY A 48 5.21 7.94 25.57
C GLY A 48 5.70 8.69 24.36
N LEU A 49 7.02 8.67 24.17
CA LEU A 49 7.63 9.27 23.00
C LEU A 49 8.03 8.19 22.01
N GLN A 50 7.95 8.53 20.74
CA GLN A 50 8.05 7.56 19.66
C GLN A 50 9.04 8.06 18.62
N TYR A 51 9.89 7.17 18.12
CA TYR A 51 10.93 7.55 17.16
C TYR A 51 11.18 6.52 16.08
N VAL A 52 12.03 6.88 15.13
CA VAL A 52 12.48 6.00 14.07
C VAL A 52 13.97 5.71 14.27
N ASP A 53 14.35 4.44 14.40
CA ASP A 53 15.77 4.10 14.51
C ASP A 53 16.44 4.09 13.13
N SER A 54 17.77 3.94 13.13
CA SER A 54 18.56 4.00 11.90
C SER A 54 18.14 2.94 10.89
N LYS A 55 17.62 1.81 11.39
CA LYS A 55 17.07 0.77 10.52
C LYS A 55 15.84 1.29 9.78
N GLY A 56 15.02 2.09 10.46
CA GLY A 56 13.79 2.62 9.87
C GLY A 56 12.54 2.13 10.59
N TYR A 57 12.73 1.35 11.65
CA TYR A 57 11.63 0.84 12.45
C TYR A 57 11.14 1.88 13.46
N SER A 58 9.83 1.94 13.66
CA SER A 58 9.23 2.75 14.71
C SER A 58 9.53 2.13 16.05
N THR A 59 9.93 2.95 17.02
CA THR A 59 10.23 2.45 18.36
C THR A 59 9.74 3.41 19.44
N TRP A 60 9.29 2.86 20.55
CA TRP A 60 9.06 3.66 21.75
C TRP A 60 10.41 4.00 22.36
N LEU A 61 10.53 5.23 22.86
CA LEU A 61 11.75 5.69 23.51
C LEU A 61 11.82 5.16 24.93
N LYS A 62 12.96 4.60 25.30
CA LYS A 62 13.21 4.21 26.68
C LYS A 62 13.48 5.48 27.49
N LEU A 63 12.79 5.62 28.62
CA LEU A 63 12.88 6.84 29.41
C LEU A 63 14.08 6.86 30.35
N ASN A 64 14.39 5.72 30.96
CA ASN A 64 15.48 5.65 31.92
C ASN A 64 16.86 5.53 31.27
N LYS A 65 16.91 5.61 29.94
CA LYS A 65 18.17 5.63 29.19
C LYS A 65 18.41 7.00 28.56
N LYS A 66 19.65 7.26 28.15
CA LYS A 66 20.01 8.48 27.41
C LYS A 66 19.41 8.45 26.00
N VAL A 67 19.01 9.62 25.51
CA VAL A 67 18.37 9.75 24.19
C VAL A 67 19.36 9.47 23.03
N THR A 68 20.59 9.95 23.15
CA THR A 68 21.62 9.73 22.13
C THR A 68 22.26 8.35 22.20
N GLN A 69 21.72 7.50 23.06
CA GLN A 69 22.22 6.16 23.31
C GLN A 69 21.19 5.12 22.82
N GLN A 70 20.23 5.56 22.00
CA GLN A 70 19.11 4.72 21.62
C GLN A 70 18.97 4.59 20.11
N ASP A 71 20.01 5.02 19.39
CA ASP A 71 20.05 4.96 17.92
C ASP A 71 18.80 5.57 17.28
N VAL A 72 18.61 6.86 17.52
CA VAL A 72 17.56 7.63 16.86
C VAL A 72 18.07 7.96 15.47
N LYS A 73 17.19 7.95 14.49
CA LYS A 73 17.57 8.31 13.13
C LYS A 73 18.36 9.60 13.16
N LYS A 74 19.59 9.56 12.66
CA LYS A 74 20.44 10.75 12.65
C LYS A 74 19.93 11.73 11.61
N GLU A 75 19.37 12.86 12.09
CA GLU A 75 18.91 13.97 11.24
C GLU A 75 18.75 15.26 12.04
N ASN A 76 18.64 16.38 11.34
CA ASN A 76 18.47 17.68 11.96
C ASN A 76 17.13 18.31 11.60
N PRO A 77 16.20 18.41 12.56
CA PRO A 77 16.29 17.96 13.95
C PRO A 77 15.83 16.51 14.15
N LEU A 78 16.02 15.98 15.36
CA LEU A 78 15.54 14.65 15.70
C LEU A 78 14.01 14.65 15.84
N GLN A 79 13.36 13.61 15.30
CA GLN A 79 11.89 13.55 15.23
C GLN A 79 11.27 12.64 16.29
N PHE A 80 10.28 13.16 17.00
CA PHE A 80 9.56 12.39 18.00
C PHE A 80 8.06 12.58 17.89
N LYS A 81 7.31 11.55 18.29
CA LYS A 81 5.86 11.64 18.35
C LYS A 81 5.41 11.37 19.79
N PHE A 82 4.76 12.37 20.37
CA PHE A 82 4.13 12.20 21.65
C PHE A 82 2.76 11.57 21.41
N ARG A 83 2.57 10.38 21.96
CA ARG A 83 1.38 9.56 21.69
C ARG A 83 1.00 8.70 22.89
N ALA A 84 -0.26 8.26 22.91
CA ALA A 84 -0.74 7.35 23.93
C ALA A 84 -0.22 5.95 23.63
N LYS A 85 0.39 5.32 24.64
CA LYS A 85 0.88 3.95 24.54
C LYS A 85 -0.09 3.01 25.26
N PHE A 86 -0.87 3.57 26.18
CA PHE A 86 -1.82 2.81 26.95
C PHE A 86 -3.16 3.50 26.91
N PHE A 87 -4.23 2.73 27.04
CA PHE A 87 -5.57 3.28 26.93
C PHE A 87 -6.38 3.04 28.18
N PRO A 88 -7.24 3.99 28.53
CA PRO A 88 -8.02 3.81 29.74
C PRO A 88 -9.10 2.74 29.57
N GLU A 89 -9.55 2.16 30.68
CA GLU A 89 -10.66 1.20 30.64
C GLU A 89 -11.97 1.91 30.28
N ASP A 90 -12.17 3.08 30.87
CA ASP A 90 -13.30 3.93 30.55
C ASP A 90 -12.83 5.38 30.51
N VAL A 91 -13.08 6.05 29.38
CA VAL A 91 -12.64 7.43 29.17
C VAL A 91 -13.30 8.44 30.12
N SER A 92 -14.57 8.23 30.44
CA SER A 92 -15.31 9.14 31.32
C SER A 92 -14.72 9.21 32.73
N GLU A 93 -14.33 8.06 33.28
CA GLU A 93 -13.72 8.00 34.61
C GLU A 93 -12.25 8.40 34.62
N GLU A 94 -11.54 8.21 33.50
CA GLU A 94 -10.08 8.30 33.51
C GLU A 94 -9.42 9.46 32.74
N LEU A 95 -10.18 10.16 31.90
CA LEU A 95 -9.64 11.34 31.24
C LEU A 95 -10.20 12.61 31.88
N ILE A 96 -9.52 13.08 32.91
CA ILE A 96 -10.01 14.20 33.70
C ILE A 96 -9.71 15.53 33.01
N GLN A 97 -8.48 15.70 32.51
CA GLN A 97 -8.05 16.96 31.89
C GLN A 97 -8.52 17.16 30.47
N GLU A 98 -8.76 18.43 30.12
CA GLU A 98 -9.16 18.80 28.76
C GLU A 98 -8.15 18.34 27.70
N ILE A 99 -6.89 18.73 27.88
CA ILE A 99 -5.83 18.38 26.94
C ILE A 99 -5.75 16.86 26.75
N THR A 100 -5.87 16.14 27.86
CA THR A 100 -5.83 14.68 27.83
C THR A 100 -6.91 14.18 26.91
N GLN A 101 -8.13 14.66 27.13
CA GLN A 101 -9.26 14.27 26.31
C GLN A 101 -8.99 14.58 24.86
N ARG A 102 -8.41 15.76 24.60
CA ARG A 102 -8.16 16.23 23.25
C ARG A 102 -7.18 15.31 22.55
N LEU A 103 -6.06 15.04 23.21
CA LEU A 103 -5.01 14.21 22.63
C LEU A 103 -5.51 12.80 22.28
N PHE A 104 -6.17 12.14 23.23
CA PHE A 104 -6.82 10.86 22.95
C PHE A 104 -7.79 10.94 21.77
N PHE A 105 -8.69 11.91 21.81
CA PHE A 105 -9.64 12.12 20.72
C PHE A 105 -8.96 12.13 19.36
N LEU A 106 -7.96 12.98 19.20
CA LEU A 106 -7.32 13.15 17.90
C LEU A 106 -6.56 11.90 17.46
N GLN A 107 -5.96 11.18 18.40
CA GLN A 107 -5.23 9.96 18.07
C GLN A 107 -6.16 8.86 17.58
N VAL A 108 -7.27 8.69 18.30
CA VAL A 108 -8.23 7.62 18.02
C VAL A 108 -8.91 7.87 16.68
N LYS A 109 -9.28 9.13 16.45
CA LYS A 109 -9.90 9.53 15.20
C LYS A 109 -8.96 9.21 14.04
N GLU A 110 -7.69 9.57 14.18
CA GLU A 110 -6.68 9.26 13.17
C GLU A 110 -6.59 7.76 12.92
N ALA A 111 -6.65 6.96 14.00
CA ALA A 111 -6.69 5.51 13.86
C ALA A 111 -7.91 5.05 13.05
N ILE A 112 -9.08 5.62 13.35
CA ILE A 112 -10.30 5.34 12.61
C ILE A 112 -10.13 5.65 11.12
N LEU A 113 -9.74 6.88 10.81
CA LEU A 113 -9.64 7.37 9.45
C LEU A 113 -8.60 6.63 8.61
N ASN A 114 -7.49 6.27 9.25
CA ASN A 114 -6.43 5.50 8.58
C ASN A 114 -6.73 3.99 8.55
N ASP A 115 -7.91 3.61 9.03
CA ASP A 115 -8.38 2.23 9.02
C ASP A 115 -7.57 1.31 9.96
N GLU A 116 -6.93 1.88 10.97
CA GLU A 116 -6.25 1.07 12.01
C GLU A 116 -7.24 0.45 12.98
N ILE A 117 -8.29 1.21 13.34
CA ILE A 117 -9.41 0.68 14.11
C ILE A 117 -10.58 0.47 13.17
N TYR A 118 -11.08 -0.77 13.08
CA TYR A 118 -12.24 -1.04 12.25
C TYR A 118 -13.50 -0.33 12.77
N CYS A 119 -14.24 0.28 11.85
CA CYS A 119 -15.48 0.96 12.19
C CYS A 119 -16.49 0.83 11.06
N PRO A 120 -17.70 0.32 11.35
CA PRO A 120 -18.71 0.14 10.32
C PRO A 120 -19.25 1.50 9.83
N PRO A 121 -19.92 1.53 8.66
CA PRO A 121 -20.30 2.78 8.00
C PRO A 121 -21.22 3.72 8.80
N GLU A 122 -22.32 3.20 9.33
CA GLU A 122 -23.28 4.05 10.07
C GLU A 122 -22.69 4.67 11.32
N THR A 123 -21.82 3.90 11.99
CA THR A 123 -21.15 4.37 13.20
C THR A 123 -20.08 5.37 12.81
N ALA A 124 -19.39 5.12 11.70
CA ALA A 124 -18.39 6.03 11.16
C ALA A 124 -18.97 7.41 10.88
N VAL A 125 -20.16 7.43 10.27
CA VAL A 125 -20.85 8.67 9.93
C VAL A 125 -21.20 9.45 11.19
N LEU A 126 -21.71 8.75 12.21
CA LEU A 126 -22.01 9.38 13.49
C LEU A 126 -20.73 9.88 14.18
N LEU A 127 -19.64 9.12 14.08
CA LEU A 127 -18.35 9.62 14.56
C LEU A 127 -17.93 10.88 13.80
N ALA A 128 -18.10 10.89 12.48
CA ALA A 128 -17.75 12.07 11.72
C ALA A 128 -18.51 13.31 12.21
N SER A 129 -19.81 13.18 12.38
CA SER A 129 -20.66 14.29 12.83
C SER A 129 -20.25 14.93 14.17
N TYR A 130 -19.62 14.13 15.05
CA TYR A 130 -19.07 14.66 16.30
C TYR A 130 -17.78 15.43 16.08
N ALA A 131 -16.95 14.92 15.17
CA ALA A 131 -15.72 15.59 14.79
C ALA A 131 -16.04 16.89 14.08
N VAL A 132 -17.19 16.92 13.41
CA VAL A 132 -17.70 18.12 12.77
C VAL A 132 -18.19 19.13 13.83
N GLN A 133 -19.00 18.66 14.77
CA GLN A 133 -19.48 19.51 15.86
C GLN A 133 -18.33 20.10 16.66
N ALA A 134 -17.34 19.26 17.01
CA ALA A 134 -16.14 19.68 17.72
C ALA A 134 -15.36 20.77 16.97
N LYS A 135 -15.32 20.66 15.64
CA LYS A 135 -14.52 21.58 14.83
C LYS A 135 -15.29 22.82 14.38
N TYR A 136 -16.50 22.64 13.88
CA TYR A 136 -17.27 23.73 13.28
C TYR A 136 -18.17 24.48 14.26
N GLY A 137 -18.41 23.87 15.41
CA GLY A 137 -19.36 24.41 16.37
C GLY A 137 -20.77 24.17 15.91
N ASP A 138 -21.71 24.91 16.48
CA ASP A 138 -23.13 24.74 16.17
C ASP A 138 -23.43 24.90 14.71
N TYR A 139 -24.28 24.03 14.18
CA TYR A 139 -24.72 24.12 12.80
C TYR A 139 -25.45 25.42 12.62
N ASN A 140 -25.21 26.06 11.48
CA ASN A 140 -25.78 27.35 11.14
C ASN A 140 -26.05 27.40 9.65
N LYS A 141 -27.33 27.50 9.31
CA LYS A 141 -27.84 27.52 7.93
C LYS A 141 -27.10 28.53 7.03
N GLU A 142 -26.93 29.75 7.52
CA GLU A 142 -26.36 30.84 6.75
C GLU A 142 -24.87 30.60 6.44
N ILE A 143 -24.15 30.03 7.42
CA ILE A 143 -22.73 29.78 7.30
C ILE A 143 -22.45 28.44 6.59
N HIS A 144 -23.07 27.37 7.07
CA HIS A 144 -22.75 26.02 6.60
C HIS A 144 -23.56 25.62 5.38
N LYS A 145 -23.32 26.32 4.27
CA LYS A 145 -24.04 26.07 3.02
C LYS A 145 -23.71 24.67 2.47
N PRO A 146 -24.65 24.06 1.73
CA PRO A 146 -24.36 22.79 1.06
C PRO A 146 -22.96 22.76 0.46
N GLY A 147 -22.13 21.85 0.96
CA GLY A 147 -20.76 21.67 0.47
C GLY A 147 -19.65 22.15 1.40
N TYR A 148 -20.03 22.53 2.63
CA TYR A 148 -19.07 23.08 3.60
C TYR A 148 -18.11 22.05 4.18
N LEU A 149 -18.37 20.78 3.91
CA LEU A 149 -17.52 19.68 4.39
C LEU A 149 -16.61 19.11 3.29
N ALA A 150 -16.64 19.73 2.11
CA ALA A 150 -15.87 19.27 0.94
C ALA A 150 -14.36 19.14 1.20
N ASN A 151 -13.86 19.94 2.15
CA ASN A 151 -12.45 19.94 2.46
C ASN A 151 -12.14 19.28 3.82
N ASP A 152 -12.90 18.25 4.17
CA ASP A 152 -12.68 17.53 5.43
C ASP A 152 -12.48 16.04 5.20
N ARG A 153 -11.45 15.49 5.83
CA ARG A 153 -11.25 14.05 5.90
C ARG A 153 -12.17 13.52 7.01
N LEU A 154 -13.32 12.99 6.61
CA LEU A 154 -14.37 12.63 7.56
C LEU A 154 -14.58 11.13 7.73
N LEU A 155 -14.68 10.40 6.62
CA LEU A 155 -14.92 8.96 6.65
C LEU A 155 -13.65 8.13 6.38
N PRO A 156 -13.60 6.89 6.92
CA PRO A 156 -12.53 5.96 6.57
C PRO A 156 -12.63 5.51 5.11
N GLN A 157 -11.48 5.26 4.50
CA GLN A 157 -11.40 4.81 3.11
C GLN A 157 -12.21 3.54 2.84
N ARG A 158 -12.20 2.61 3.79
CA ARG A 158 -13.02 1.40 3.74
C ARG A 158 -14.48 1.68 3.49
N VAL A 159 -15.01 2.72 4.15
CA VAL A 159 -16.43 3.07 4.11
C VAL A 159 -16.80 3.77 2.79
N LEU A 160 -15.90 4.63 2.33
CA LEU A 160 -16.09 5.32 1.05
C LEU A 160 -16.05 4.33 -0.11
N GLU A 161 -15.16 3.34 -0.03
CA GLU A 161 -15.05 2.27 -1.03
C GLU A 161 -16.27 1.36 -1.05
N GLN A 162 -16.72 0.95 0.14
CA GLN A 162 -17.75 -0.09 0.25
C GLN A 162 -19.17 0.36 -0.10
N HIS A 163 -19.31 1.53 -0.70
CA HIS A 163 -20.64 2.00 -1.08
C HIS A 163 -20.73 2.57 -2.49
N LYS A 164 -21.96 2.75 -2.95
CA LYS A 164 -22.25 3.34 -4.25
C LYS A 164 -22.56 4.83 -4.08
N LEU A 165 -22.58 5.28 -2.82
CA LEU A 165 -22.82 6.69 -2.47
C LEU A 165 -21.72 7.62 -2.94
N THR A 166 -22.11 8.78 -3.45
CA THR A 166 -21.16 9.81 -3.89
C THR A 166 -20.62 10.62 -2.70
N LYS A 167 -19.61 11.45 -2.99
CA LYS A 167 -18.95 12.32 -2.02
C LYS A 167 -19.96 13.20 -1.25
N GLU A 168 -20.68 14.05 -1.97
CA GLU A 168 -21.66 14.97 -1.39
C GLU A 168 -22.84 14.27 -0.70
N GLN A 169 -23.06 13.02 -1.06
CA GLN A 169 -24.12 12.23 -0.43
C GLN A 169 -23.74 11.80 0.98
N TRP A 170 -22.48 11.39 1.14
CA TRP A 170 -21.91 11.11 2.45
C TRP A 170 -21.91 12.38 3.29
N GLU A 171 -21.65 13.49 2.63
CA GLU A 171 -21.57 14.76 3.30
C GLU A 171 -22.94 15.22 3.78
N GLU A 172 -23.97 14.87 3.02
CA GLU A 172 -25.35 15.20 3.40
C GLU A 172 -25.73 14.43 4.66
N ARG A 173 -25.32 13.16 4.71
CA ARG A 173 -25.56 12.30 5.85
C ARG A 173 -24.93 12.85 7.12
N ILE A 174 -23.68 13.31 7.00
CA ILE A 174 -22.96 13.87 8.14
C ILE A 174 -23.58 15.19 8.59
N GLN A 175 -23.95 16.03 7.62
CA GLN A 175 -24.60 17.29 7.90
C GLN A 175 -25.90 17.10 8.70
N ASN A 176 -26.70 16.14 8.28
CA ASN A 176 -27.96 15.83 8.96
C ASN A 176 -27.75 15.46 10.41
N TRP A 177 -26.68 14.71 10.68
CA TRP A 177 -26.31 14.38 12.04
C TRP A 177 -25.82 15.61 12.79
N HIS A 178 -25.03 16.43 12.11
CA HIS A 178 -24.45 17.64 12.69
C HIS A 178 -25.53 18.59 13.21
N GLU A 179 -26.56 18.82 12.40
CA GLU A 179 -27.68 19.69 12.76
C GLU A 179 -28.28 19.30 14.10
N GLU A 180 -28.29 18.01 14.39
CA GLU A 180 -28.92 17.47 15.57
C GLU A 180 -28.06 17.62 16.85
N HIS A 181 -26.76 17.88 16.69
CA HIS A 181 -25.84 18.09 17.81
C HIS A 181 -25.85 19.55 18.28
N ARG A 182 -26.94 20.25 17.95
CA ARG A 182 -27.07 21.70 18.04
C ARG A 182 -26.70 22.35 19.37
N GLY A 183 -26.70 21.60 20.47
CA GLY A 183 -26.33 22.20 21.76
C GLY A 183 -24.91 21.94 22.29
N MET A 184 -24.17 21.04 21.64
CA MET A 184 -22.97 20.45 22.23
C MET A 184 -21.69 21.27 22.24
N LEU A 185 -21.08 21.37 23.42
CA LEU A 185 -19.76 22.00 23.57
C LEU A 185 -18.65 21.13 22.97
N ARG A 186 -17.51 21.75 22.68
CA ARG A 186 -16.38 21.08 22.06
C ARG A 186 -15.88 19.95 22.95
N GLU A 187 -15.75 20.21 24.25
CA GLU A 187 -15.34 19.19 25.22
C GLU A 187 -16.29 17.98 25.19
N ASP A 188 -17.59 18.24 25.25
CA ASP A 188 -18.62 17.18 25.24
C ASP A 188 -18.56 16.36 23.96
N SER A 189 -18.41 17.05 22.83
CA SER A 189 -18.27 16.46 21.49
C SER A 189 -17.17 15.41 21.40
N MET A 190 -15.99 15.78 21.90
CA MET A 190 -14.82 14.90 21.82
C MET A 190 -15.04 13.67 22.69
N MET A 191 -15.76 13.85 23.79
CA MET A 191 -16.03 12.78 24.73
C MET A 191 -17.07 11.79 24.20
N GLU A 192 -18.09 12.30 23.53
CA GLU A 192 -19.10 11.43 22.91
C GLU A 192 -18.50 10.59 21.82
N TYR A 193 -17.58 11.20 21.07
CA TYR A 193 -16.80 10.52 20.07
C TYR A 193 -16.08 9.36 20.73
N LEU A 194 -15.39 9.66 21.83
CA LEU A 194 -14.58 8.67 22.54
C LEU A 194 -15.42 7.57 23.19
N LYS A 195 -16.61 7.92 23.67
CA LYS A 195 -17.49 6.94 24.31
C LYS A 195 -17.99 5.92 23.29
N ILE A 196 -18.20 6.36 22.06
CA ILE A 196 -18.60 5.45 20.99
C ILE A 196 -17.38 4.70 20.53
N ALA A 197 -16.28 5.42 20.28
CA ALA A 197 -15.04 4.80 19.84
C ALA A 197 -14.60 3.63 20.73
N GLN A 198 -14.61 3.85 22.04
CA GLN A 198 -14.05 2.87 22.97
C GLN A 198 -14.76 1.51 22.94
N ASP A 199 -15.90 1.43 22.26
CA ASP A 199 -16.62 0.16 22.18
C ASP A 199 -16.47 -0.55 20.84
N LEU A 200 -15.69 0.05 19.95
CA LEU A 200 -15.28 -0.66 18.75
C LEU A 200 -14.33 -1.80 19.18
N GLU A 201 -14.56 -2.98 18.64
CA GLU A 201 -13.85 -4.20 19.03
C GLU A 201 -12.31 -4.09 18.96
N MET A 202 -11.80 -3.34 17.99
CA MET A 202 -10.35 -3.14 17.80
C MET A 202 -9.77 -1.96 18.61
N TYR A 203 -10.58 -1.34 19.46
CA TYR A 203 -10.12 -0.18 20.22
C TYR A 203 -9.22 -0.57 21.39
N GLY A 204 -8.09 0.12 21.47
CA GLY A 204 -7.17 -0.03 22.59
C GLY A 204 -6.50 -1.40 22.66
N VAL A 205 -6.48 -2.10 21.53
CA VAL A 205 -5.74 -3.37 21.44
C VAL A 205 -4.58 -3.29 20.46
N ASN A 206 -3.42 -3.73 20.91
CA ASN A 206 -2.25 -3.91 20.06
C ASN A 206 -2.27 -5.32 19.51
N TYR A 207 -2.08 -5.46 18.20
CA TYR A 207 -2.14 -6.75 17.54
C TYR A 207 -0.74 -7.26 17.18
N PHE A 208 -0.53 -8.57 17.35
CA PHE A 208 0.77 -9.17 17.07
C PHE A 208 0.66 -10.53 16.40
N GLU A 209 1.33 -10.69 15.27
CA GLU A 209 1.39 -11.99 14.60
C GLU A 209 2.13 -13.02 15.44
N ILE A 210 1.43 -14.11 15.76
CA ILE A 210 1.99 -15.18 16.60
C ILE A 210 1.72 -16.56 16.00
N LYS A 211 2.29 -17.59 16.62
CA LYS A 211 2.16 -18.99 16.16
C LYS A 211 1.88 -19.99 17.30
N ASN A 212 1.14 -21.05 16.98
CA ASN A 212 0.95 -22.18 17.88
C ASN A 212 1.97 -23.28 17.57
N LYS A 213 1.82 -24.44 18.22
CA LYS A 213 2.69 -25.61 17.99
C LYS A 213 2.73 -26.04 16.51
N LYS A 214 1.58 -25.99 15.84
CA LYS A 214 1.49 -26.39 14.43
C LYS A 214 2.08 -25.37 13.45
N GLY A 215 2.31 -24.14 13.93
CA GLY A 215 2.80 -23.06 13.07
C GLY A 215 1.70 -22.23 12.42
N THR A 216 0.45 -22.50 12.79
CA THR A 216 -0.69 -21.70 12.35
C THR A 216 -0.52 -20.24 12.76
N GLU A 217 -0.63 -19.35 11.77
CA GLU A 217 -0.56 -17.92 12.04
C GLU A 217 -1.81 -17.49 12.79
N LEU A 218 -1.61 -16.67 13.82
CA LEU A 218 -2.70 -16.13 14.60
C LEU A 218 -2.45 -14.67 14.99
N TRP A 219 -3.39 -14.10 15.74
CA TRP A 219 -3.23 -12.76 16.31
C TRP A 219 -3.28 -12.81 17.82
N LEU A 220 -2.36 -12.08 18.44
CA LEU A 220 -2.39 -11.84 19.88
C LEU A 220 -2.69 -10.37 20.10
N GLY A 221 -3.76 -10.09 20.83
CA GLY A 221 -4.12 -8.73 21.19
C GLY A 221 -3.82 -8.43 22.64
N VAL A 222 -3.01 -7.41 22.89
CA VAL A 222 -2.78 -6.90 24.24
C VAL A 222 -3.66 -5.67 24.46
N ASP A 223 -4.52 -5.72 25.47
CA ASP A 223 -5.33 -4.55 25.82
C ASP A 223 -5.37 -4.26 27.32
N ALA A 224 -6.18 -3.26 27.68
CA ALA A 224 -6.37 -2.85 29.06
C ALA A 224 -6.89 -3.99 29.95
N LEU A 225 -7.86 -4.75 29.43
CA LEU A 225 -8.52 -5.82 30.19
C LEU A 225 -7.76 -7.17 30.26
N GLY A 226 -6.73 -7.31 29.45
CA GLY A 226 -5.92 -8.53 29.44
C GLY A 226 -5.39 -8.88 28.06
N LEU A 227 -5.15 -10.17 27.84
CA LEU A 227 -4.67 -10.67 26.56
C LEU A 227 -5.78 -11.40 25.83
N ASN A 228 -5.73 -11.36 24.50
CA ASN A 228 -6.70 -12.06 23.68
C ASN A 228 -6.08 -12.71 22.47
N ILE A 229 -6.70 -13.78 21.99
CA ILE A 229 -6.20 -14.48 20.81
C ILE A 229 -7.26 -14.51 19.73
N TYR A 230 -6.84 -14.14 18.52
CA TYR A 230 -7.77 -13.98 17.40
C TYR A 230 -7.42 -14.90 16.23
N GLU A 231 -8.44 -15.27 15.48
CA GLU A 231 -8.25 -15.90 14.18
C GLU A 231 -7.48 -14.94 13.33
N HIS A 232 -6.60 -15.47 12.49
CA HIS A 232 -5.75 -14.63 11.68
C HIS A 232 -6.56 -13.72 10.74
N ASP A 233 -7.73 -14.20 10.33
CA ASP A 233 -8.59 -13.45 9.44
C ASP A 233 -9.74 -12.70 10.13
N ASP A 234 -9.80 -12.77 11.46
CA ASP A 234 -10.83 -12.05 12.22
C ASP A 234 -10.27 -11.39 13.47
N LYS A 235 -9.88 -10.13 13.32
CA LYS A 235 -9.36 -9.31 14.41
C LYS A 235 -10.45 -8.77 15.34
N LEU A 236 -11.72 -8.97 14.98
CA LEU A 236 -12.85 -8.42 15.73
C LEU A 236 -13.38 -9.36 16.82
N THR A 237 -13.09 -10.65 16.67
CA THR A 237 -13.66 -11.65 17.56
C THR A 237 -12.60 -12.37 18.39
N PRO A 238 -12.55 -12.09 19.69
CA PRO A 238 -11.65 -12.82 20.58
C PRO A 238 -12.10 -14.27 20.75
N LYS A 239 -11.16 -15.20 20.58
CA LYS A 239 -11.49 -16.62 20.72
C LYS A 239 -11.02 -17.21 22.07
N ILE A 240 -9.86 -16.76 22.53
CA ILE A 240 -9.33 -17.14 23.84
C ILE A 240 -8.93 -15.86 24.57
N GLY A 241 -9.36 -15.74 25.82
CA GLY A 241 -9.04 -14.56 26.63
C GLY A 241 -8.29 -14.91 27.90
N PHE A 242 -7.32 -14.06 28.24
CA PHE A 242 -6.63 -14.14 29.52
C PHE A 242 -6.75 -12.79 30.22
N PRO A 243 -7.72 -12.65 31.15
CA PRO A 243 -7.84 -11.40 31.89
C PRO A 243 -6.68 -11.25 32.86
N TRP A 244 -6.14 -10.04 32.98
CA TRP A 244 -4.94 -9.76 33.80
C TRP A 244 -4.94 -10.42 35.18
N SER A 245 -6.12 -10.52 35.78
CA SER A 245 -6.28 -11.07 37.13
C SER A 245 -5.86 -12.54 37.22
N GLU A 246 -5.81 -13.22 36.09
CA GLU A 246 -5.49 -14.65 36.05
C GLU A 246 -4.02 -14.95 35.72
N ILE A 247 -3.23 -13.90 35.50
CA ILE A 247 -1.83 -14.06 35.06
C ILE A 247 -0.85 -13.75 36.18
N ARG A 248 0.28 -14.47 36.17
CA ARG A 248 1.28 -14.44 37.22
C ARG A 248 2.61 -13.86 36.72
N ASN A 249 3.01 -14.29 35.52
CA ASN A 249 4.25 -13.84 34.89
C ASN A 249 4.15 -13.99 33.37
N ILE A 250 4.71 -13.03 32.65
CA ILE A 250 4.85 -13.12 31.21
C ILE A 250 6.31 -12.94 30.86
N SER A 251 6.87 -13.90 30.15
CA SER A 251 8.25 -13.79 29.72
C SER A 251 8.46 -14.41 28.35
N PHE A 252 9.53 -14.00 27.69
CA PHE A 252 9.90 -14.57 26.42
C PHE A 252 11.39 -14.84 26.37
N ASN A 253 11.77 -15.86 25.61
CA ASN A 253 13.16 -16.14 25.35
C ASN A 253 13.29 -16.50 23.89
N ASP A 254 14.22 -15.82 23.21
CA ASP A 254 14.38 -15.88 21.76
C ASP A 254 13.05 -15.60 21.03
N LYS A 255 12.35 -16.66 20.63
CA LYS A 255 11.11 -16.55 19.85
C LYS A 255 9.87 -17.16 20.54
N LYS A 256 10.02 -17.56 21.81
CA LYS A 256 8.95 -18.26 22.54
C LYS A 256 8.48 -17.50 23.78
N PHE A 257 7.17 -17.32 23.90
CA PHE A 257 6.54 -16.68 25.06
C PHE A 257 5.93 -17.69 26.01
N VAL A 258 6.17 -17.51 27.31
CA VAL A 258 5.51 -18.33 28.32
C VAL A 258 4.64 -17.44 29.19
N ILE A 259 3.40 -17.87 29.38
CA ILE A 259 2.48 -17.19 30.27
C ILE A 259 2.09 -18.14 31.39
N LYS A 260 2.44 -17.77 32.62
CA LYS A 260 2.11 -18.59 33.80
C LYS A 260 0.89 -18.03 34.52
N PRO A 261 -0.07 -18.91 34.87
CA PRO A 261 -1.29 -18.53 35.59
C PRO A 261 -1.11 -18.40 37.10
N ILE A 262 -2.12 -17.83 37.78
CA ILE A 262 -2.10 -17.70 39.25
C ILE A 262 -2.43 -19.04 39.91
N ASP A 263 -3.39 -19.76 39.33
CA ASP A 263 -3.80 -21.10 39.76
C ASP A 263 -2.65 -21.97 40.31
N LYS A 264 -1.47 -21.89 39.68
CA LYS A 264 -0.27 -22.65 40.06
C LYS A 264 -0.36 -24.16 39.79
N LYS A 265 -1.58 -24.69 39.85
CA LYS A 265 -1.84 -26.06 39.45
C LYS A 265 -2.13 -26.13 37.94
N ALA A 266 -2.51 -24.99 37.35
CA ALA A 266 -2.81 -24.93 35.92
C ALA A 266 -1.52 -24.89 35.08
N PRO A 267 -1.60 -25.36 33.81
CA PRO A 267 -0.41 -25.39 32.93
C PRO A 267 -0.04 -24.02 32.33
N ASP A 268 1.25 -23.88 31.99
CA ASP A 268 1.75 -22.68 31.32
C ASP A 268 1.23 -22.57 29.90
N PHE A 269 0.82 -21.37 29.51
CA PHE A 269 0.43 -21.15 28.13
C PHE A 269 1.61 -20.67 27.30
N VAL A 270 1.85 -21.33 26.18
CA VAL A 270 3.01 -21.07 25.33
C VAL A 270 2.59 -20.64 23.93
N PHE A 271 3.26 -19.61 23.40
CA PHE A 271 3.12 -19.26 21.98
C PHE A 271 4.42 -18.70 21.41
N TYR A 272 4.46 -18.52 20.08
CA TYR A 272 5.68 -18.09 19.40
C TYR A 272 5.52 -16.78 18.64
N ALA A 273 6.58 -15.96 18.65
CA ALA A 273 6.60 -14.69 17.95
C ALA A 273 7.98 -14.43 17.30
N PRO A 274 8.01 -14.09 15.99
CA PRO A 274 9.21 -14.04 15.12
C PRO A 274 10.36 -13.13 15.57
N ARG A 275 10.14 -11.81 15.58
CA ARG A 275 11.23 -10.85 15.78
C ARG A 275 11.43 -10.42 17.23
N LEU A 276 12.70 -10.26 17.61
CA LEU A 276 13.07 -9.88 18.97
C LEU A 276 12.61 -8.46 19.31
N ARG A 277 12.67 -7.57 18.33
CA ARG A 277 12.26 -6.18 18.52
C ARG A 277 10.78 -6.06 18.90
N ILE A 278 9.93 -6.82 18.21
CA ILE A 278 8.50 -6.84 18.52
C ILE A 278 8.28 -7.43 19.91
N ASN A 279 9.00 -8.51 20.20
CA ASN A 279 8.89 -9.18 21.50
C ASN A 279 9.12 -8.25 22.69
N LYS A 280 10.13 -7.39 22.59
CA LYS A 280 10.38 -6.40 23.63
C LYS A 280 9.12 -5.57 23.88
N ARG A 281 8.54 -5.06 22.78
CA ARG A 281 7.32 -4.25 22.82
C ARG A 281 6.12 -5.01 23.38
N ILE A 282 5.97 -6.28 22.98
CA ILE A 282 4.89 -7.11 23.51
C ILE A 282 5.04 -7.20 25.03
N LEU A 283 6.26 -7.51 25.48
CA LEU A 283 6.56 -7.60 26.90
C LEU A 283 6.19 -6.30 27.62
N ALA A 284 6.62 -5.18 27.04
CA ALA A 284 6.45 -3.86 27.64
C ALA A 284 4.97 -3.52 27.80
N LEU A 285 4.17 -3.80 26.77
CA LEU A 285 2.74 -3.51 26.82
C LEU A 285 2.04 -4.35 27.86
N CYS A 286 2.43 -5.61 27.97
CA CYS A 286 1.88 -6.50 28.99
C CYS A 286 2.09 -5.94 30.39
N MET A 287 3.34 -5.63 30.73
CA MET A 287 3.67 -5.10 32.05
C MET A 287 2.90 -3.82 32.36
N GLY A 288 2.89 -2.91 31.39
CA GLY A 288 2.21 -1.62 31.54
C GLY A 288 0.71 -1.74 31.72
N ASN A 289 0.09 -2.60 30.93
CA ASN A 289 -1.36 -2.82 31.04
C ASN A 289 -1.73 -3.51 32.33
N HIS A 290 -0.89 -4.45 32.76
CA HIS A 290 -1.10 -5.20 34.01
C HIS A 290 -1.03 -4.24 35.20
N GLU A 291 -0.01 -3.39 35.21
CA GLU A 291 0.19 -2.40 36.26
C GLU A 291 -1.04 -1.50 36.46
N LEU A 292 -1.52 -0.90 35.37
CA LEU A 292 -2.66 0.01 35.40
C LEU A 292 -3.97 -0.68 35.78
N TYR A 293 -4.07 -1.96 35.44
CA TYR A 293 -5.20 -2.80 35.83
C TYR A 293 -5.27 -2.94 37.35
N MET A 294 -4.13 -3.19 37.97
CA MET A 294 -4.03 -3.36 39.41
C MET A 294 -4.24 -2.05 40.15
N ARG A 295 -3.61 -0.99 39.65
CA ARG A 295 -3.72 0.33 40.28
C ARG A 295 -5.16 0.82 40.34
N ARG A 296 -5.92 0.55 39.27
CA ARG A 296 -7.35 0.87 39.27
C ARG A 296 -8.11 0.11 40.36
N ARG A 297 -7.49 -0.92 40.92
CA ARG A 297 -8.15 -1.79 41.91
C ARG A 297 -7.43 -1.82 43.27
N LYS A 298 -6.69 -0.76 43.56
CA LYS A 298 -6.10 -0.53 44.88
C LYS A 298 -6.57 0.84 45.41
N LYS B 5 -21.39 -22.11 0.25
CA LYS B 5 -21.84 -21.26 -0.90
C LYS B 5 -20.65 -20.74 -1.77
N PRO B 6 -19.80 -21.66 -2.30
CA PRO B 6 -18.54 -21.28 -2.98
C PRO B 6 -18.69 -20.50 -4.30
N ILE B 7 -17.64 -19.75 -4.66
CA ILE B 7 -17.55 -18.98 -5.91
C ILE B 7 -16.31 -19.39 -6.72
N ASN B 8 -16.54 -19.79 -7.97
CA ASN B 8 -15.47 -20.16 -8.89
C ASN B 8 -14.61 -18.97 -9.26
N VAL B 9 -13.29 -19.15 -9.20
CA VAL B 9 -12.37 -18.13 -9.65
C VAL B 9 -11.32 -18.71 -10.60
N ARG B 10 -10.86 -17.87 -11.53
CA ARG B 10 -9.75 -18.22 -12.42
C ARG B 10 -8.65 -17.16 -12.32
N VAL B 11 -7.44 -17.60 -12.04
CA VAL B 11 -6.28 -16.72 -12.00
C VAL B 11 -5.33 -17.16 -13.10
N THR B 12 -4.96 -16.24 -13.98
CA THR B 12 -3.92 -16.56 -14.96
C THR B 12 -2.61 -15.87 -14.64
N THR B 13 -1.58 -16.69 -14.48
CA THR B 13 -0.21 -16.18 -14.47
C THR B 13 0.18 -16.08 -15.94
N MET B 14 1.41 -15.64 -16.22
CA MET B 14 1.86 -15.44 -17.59
C MET B 14 1.83 -16.71 -18.48
N ASP B 15 1.90 -17.88 -17.86
CA ASP B 15 1.93 -19.14 -18.61
C ASP B 15 1.01 -20.23 -18.04
N ALA B 16 0.19 -19.90 -17.06
CA ALA B 16 -0.71 -20.87 -16.47
C ALA B 16 -2.10 -20.33 -16.21
N GLU B 17 -3.09 -21.20 -16.33
CA GLU B 17 -4.45 -20.93 -15.84
C GLU B 17 -4.65 -21.72 -14.57
N LEU B 18 -5.11 -21.05 -13.53
CA LEU B 18 -5.35 -21.70 -12.24
C LEU B 18 -6.81 -21.54 -11.86
N GLU B 19 -7.44 -22.64 -11.52
CA GLU B 19 -8.84 -22.60 -11.15
C GLU B 19 -8.99 -22.88 -9.67
N PHE B 20 -9.64 -21.96 -8.95
CA PHE B 20 -9.87 -22.10 -7.53
C PHE B 20 -11.34 -21.94 -7.18
N ALA B 21 -11.66 -22.07 -5.90
CA ALA B 21 -12.98 -21.73 -5.38
C ALA B 21 -12.80 -20.88 -4.12
N ILE B 22 -13.46 -19.73 -4.07
CA ILE B 22 -13.40 -18.86 -2.88
C ILE B 22 -14.75 -18.74 -2.21
N GLN B 23 -14.76 -18.25 -0.97
CA GLN B 23 -15.99 -18.09 -0.18
C GLN B 23 -16.34 -16.61 -0.01
N PRO B 24 -17.61 -16.30 0.31
CA PRO B 24 -17.97 -14.90 0.55
C PRO B 24 -17.01 -14.30 1.55
N ASN B 25 -16.44 -15.16 2.37
CA ASN B 25 -15.58 -14.75 3.46
C ASN B 25 -14.11 -14.56 3.07
N THR B 26 -13.74 -15.09 1.90
CA THR B 26 -12.35 -15.10 1.45
C THR B 26 -11.78 -13.69 1.21
N THR B 27 -10.59 -13.46 1.76
CA THR B 27 -9.92 -12.18 1.65
C THR B 27 -8.95 -12.19 0.48
N GLY B 28 -8.62 -11.00 -0.02
CA GLY B 28 -7.62 -10.86 -1.08
C GLY B 28 -6.28 -11.47 -0.73
N LYS B 29 -5.87 -11.33 0.53
CA LYS B 29 -4.63 -11.91 1.03
C LYS B 29 -4.65 -13.43 0.92
N GLN B 30 -5.79 -14.03 1.26
CA GLN B 30 -5.95 -15.47 1.23
C GLN B 30 -5.82 -16.04 -0.20
N LEU B 31 -6.42 -15.34 -1.16
CA LEU B 31 -6.36 -15.73 -2.56
C LEU B 31 -4.95 -15.57 -3.13
N PHE B 32 -4.33 -14.42 -2.83
CA PHE B 32 -2.95 -14.13 -3.25
C PHE B 32 -2.01 -15.22 -2.80
N ASP B 33 -2.01 -15.49 -1.51
CA ASP B 33 -1.15 -16.50 -0.93
C ASP B 33 -1.33 -17.88 -1.56
N GLN B 34 -2.57 -18.25 -1.86
CA GLN B 34 -2.83 -19.52 -2.55
C GLN B 34 -2.07 -19.58 -3.88
N VAL B 35 -2.17 -18.51 -4.67
CA VAL B 35 -1.48 -18.45 -5.97
C VAL B 35 0.02 -18.60 -5.76
N VAL B 36 0.51 -17.96 -4.71
CA VAL B 36 1.90 -18.05 -4.31
C VAL B 36 2.29 -19.48 -3.95
N LYS B 37 1.45 -20.15 -3.17
CA LYS B 37 1.72 -21.52 -2.74
C LYS B 37 1.69 -22.49 -3.92
N THR B 38 0.85 -22.19 -4.91
CA THR B 38 0.70 -23.08 -6.07
C THR B 38 1.91 -22.97 -6.98
N VAL B 39 2.31 -21.74 -7.30
CA VAL B 39 3.40 -21.51 -8.25
C VAL B 39 4.78 -21.61 -7.60
N GLY B 40 4.81 -21.77 -6.27
CA GLY B 40 6.06 -21.95 -5.55
C GLY B 40 6.87 -20.69 -5.34
N LEU B 41 6.26 -19.54 -5.62
CA LEU B 41 6.91 -18.25 -5.52
C LEU B 41 7.26 -17.89 -4.08
N ARG B 42 8.44 -17.29 -3.88
CA ARG B 42 8.88 -16.79 -2.58
C ARG B 42 9.04 -15.27 -2.59
N GLU B 43 9.38 -14.69 -3.74
CA GLU B 43 9.61 -13.24 -3.82
C GLU B 43 8.30 -12.47 -4.04
N VAL B 44 7.35 -12.74 -3.14
CA VAL B 44 5.97 -12.27 -3.20
C VAL B 44 5.80 -10.76 -3.37
N TRP B 45 6.66 -9.98 -2.73
CA TRP B 45 6.47 -8.53 -2.56
C TRP B 45 6.28 -7.77 -3.89
N PHE B 46 6.88 -8.29 -4.96
CA PHE B 46 6.77 -7.70 -6.29
C PHE B 46 5.39 -7.80 -6.93
N PHE B 47 4.57 -8.75 -6.47
CA PHE B 47 3.41 -9.21 -7.24
C PHE B 47 2.05 -8.81 -6.71
N GLY B 48 1.04 -8.94 -7.54
CA GLY B 48 -0.31 -8.52 -7.19
C GLY B 48 -1.36 -9.23 -8.02
N LEU B 49 -2.62 -9.00 -7.70
CA LEU B 49 -3.72 -9.57 -8.46
C LEU B 49 -4.54 -8.47 -9.11
N GLN B 50 -4.87 -8.64 -10.39
CA GLN B 50 -5.65 -7.61 -11.08
C GLN B 50 -6.96 -8.11 -11.68
N TYR B 51 -8.01 -7.34 -11.44
CA TYR B 51 -9.36 -7.69 -11.87
C TYR B 51 -9.99 -6.52 -12.58
N VAL B 52 -11.04 -6.81 -13.34
CA VAL B 52 -11.91 -5.78 -13.89
C VAL B 52 -13.10 -5.60 -12.94
N ASP B 53 -13.35 -4.37 -12.50
CA ASP B 53 -14.52 -4.12 -11.64
C ASP B 53 -15.82 -4.08 -12.48
N SER B 54 -16.96 -3.85 -11.82
CA SER B 54 -18.25 -3.87 -12.53
C SER B 54 -18.45 -2.67 -13.47
N LYS B 55 -17.73 -1.58 -13.20
CA LYS B 55 -17.76 -0.41 -14.09
C LYS B 55 -16.95 -0.62 -15.37
N GLY B 56 -16.07 -1.61 -15.39
CA GLY B 56 -15.27 -1.91 -16.57
C GLY B 56 -13.81 -1.48 -16.47
N TYR B 57 -13.48 -0.77 -15.39
CA TYR B 57 -12.11 -0.31 -15.19
C TYR B 57 -11.24 -1.32 -14.42
N SER B 58 -9.97 -1.38 -14.81
CA SER B 58 -9.07 -2.44 -14.39
C SER B 58 -8.35 -2.05 -13.10
N THR B 59 -8.49 -2.91 -12.09
CA THR B 59 -8.06 -2.58 -10.73
C THR B 59 -7.13 -3.63 -10.11
N TRP B 60 -6.21 -3.18 -9.25
CA TRP B 60 -5.42 -4.08 -8.39
C TRP B 60 -6.27 -4.50 -7.20
N LEU B 61 -6.28 -5.81 -6.92
CA LEU B 61 -7.03 -6.34 -5.79
C LEU B 61 -6.39 -5.97 -4.46
N LYS B 62 -7.22 -5.49 -3.54
CA LYS B 62 -6.79 -5.20 -2.18
C LYS B 62 -6.73 -6.50 -1.38
N LEU B 63 -5.51 -6.86 -1.00
CA LEU B 63 -5.25 -8.04 -0.18
C LEU B 63 -5.86 -7.89 1.21
N ASN B 64 -5.89 -6.64 1.66
CA ASN B 64 -6.29 -6.26 3.01
C ASN B 64 -7.82 -6.20 3.21
N LYS B 65 -8.57 -6.78 2.28
CA LYS B 65 -10.04 -6.69 2.25
C LYS B 65 -10.65 -7.94 1.61
N LYS B 66 -11.91 -8.25 1.96
CA LYS B 66 -12.63 -9.37 1.34
C LYS B 66 -12.80 -9.18 -0.16
N VAL B 67 -12.70 -10.28 -0.92
CA VAL B 67 -12.81 -10.25 -2.37
C VAL B 67 -14.21 -9.79 -2.81
N THR B 68 -15.24 -10.37 -2.19
CA THR B 68 -16.65 -10.07 -2.53
C THR B 68 -17.06 -8.64 -2.16
N GLN B 69 -16.19 -7.96 -1.41
CA GLN B 69 -16.40 -6.58 -0.97
C GLN B 69 -15.68 -5.57 -1.86
N GLN B 70 -15.28 -6.00 -3.06
CA GLN B 70 -14.45 -5.17 -3.92
C GLN B 70 -15.04 -4.97 -5.31
N ASP B 71 -16.33 -5.29 -5.45
CA ASP B 71 -17.05 -5.00 -6.69
C ASP B 71 -16.34 -5.62 -7.90
N VAL B 72 -16.01 -6.90 -7.80
CA VAL B 72 -15.40 -7.65 -8.91
C VAL B 72 -16.48 -8.02 -9.91
N LYS B 73 -16.20 -7.80 -11.19
CA LYS B 73 -17.17 -8.07 -12.25
C LYS B 73 -17.77 -9.47 -12.10
N LYS B 74 -19.11 -9.52 -12.11
CA LYS B 74 -19.83 -10.79 -11.89
C LYS B 74 -19.88 -11.65 -13.14
N GLU B 75 -19.22 -12.80 -13.05
CA GLU B 75 -19.13 -13.78 -14.14
C GLU B 75 -18.61 -15.10 -13.59
N ASN B 76 -18.86 -16.18 -14.34
CA ASN B 76 -18.45 -17.51 -13.91
C ASN B 76 -17.39 -18.08 -14.85
N PRO B 77 -16.13 -18.20 -14.38
CA PRO B 77 -15.69 -17.83 -13.04
C PRO B 77 -15.26 -16.37 -12.99
N LEU B 78 -14.96 -15.87 -11.80
CA LEU B 78 -14.35 -14.56 -11.65
C LEU B 78 -12.94 -14.61 -12.26
N GLN B 79 -12.54 -13.53 -12.92
CA GLN B 79 -11.27 -13.51 -13.66
C GLN B 79 -10.22 -12.66 -12.96
N PHE B 80 -9.01 -13.21 -12.88
CA PHE B 80 -7.87 -12.52 -12.27
C PHE B 80 -6.59 -12.74 -13.09
N LYS B 81 -5.77 -11.71 -13.13
CA LYS B 81 -4.41 -11.84 -13.64
C LYS B 81 -3.44 -11.71 -12.49
N PHE B 82 -2.56 -12.70 -12.34
CA PHE B 82 -1.44 -12.59 -11.43
C PHE B 82 -0.29 -11.99 -12.22
N ARG B 83 0.15 -10.79 -11.83
CA ARG B 83 1.21 -10.05 -12.53
C ARG B 83 2.17 -9.38 -11.56
N ALA B 84 3.21 -8.75 -12.09
CA ALA B 84 4.14 -8.00 -11.28
C ALA B 84 3.70 -6.53 -11.17
N LYS B 85 3.64 -6.03 -9.94
CA LYS B 85 3.26 -4.65 -9.67
C LYS B 85 4.51 -3.78 -9.42
N PHE B 86 5.58 -4.40 -8.96
CA PHE B 86 6.82 -3.66 -8.67
C PHE B 86 8.00 -4.36 -9.33
N PHE B 87 8.97 -3.57 -9.77
CA PHE B 87 10.10 -4.10 -10.50
C PHE B 87 11.37 -3.84 -9.72
N PRO B 88 12.31 -4.82 -9.71
CA PRO B 88 13.54 -4.64 -8.96
C PRO B 88 14.37 -3.56 -9.62
N GLU B 89 15.38 -3.10 -8.91
CA GLU B 89 16.33 -2.16 -9.48
C GLU B 89 17.34 -2.88 -10.36
N ASP B 90 17.64 -4.14 -10.00
CA ASP B 90 18.57 -4.96 -10.77
C ASP B 90 18.18 -6.44 -10.79
N VAL B 91 17.55 -6.86 -11.89
CA VAL B 91 17.09 -8.25 -12.05
C VAL B 91 18.08 -9.32 -11.56
N SER B 92 19.37 -9.09 -11.81
CA SER B 92 20.43 -10.02 -11.42
C SER B 92 20.44 -10.26 -9.93
N GLU B 93 20.56 -9.20 -9.14
CA GLU B 93 20.65 -9.31 -7.69
C GLU B 93 19.36 -9.76 -7.01
N GLU B 94 18.23 -9.55 -7.67
CA GLU B 94 16.95 -9.67 -6.97
C GLU B 94 16.02 -10.81 -7.39
N LEU B 95 16.15 -11.27 -8.63
CA LEU B 95 15.35 -12.41 -9.05
C LEU B 95 16.13 -13.70 -8.83
N ILE B 96 15.89 -14.31 -7.68
CA ILE B 96 16.63 -15.50 -7.26
C ILE B 96 15.98 -16.79 -7.78
N GLN B 97 14.64 -16.85 -7.75
CA GLN B 97 13.93 -18.07 -8.16
C GLN B 97 13.67 -18.15 -9.65
N GLU B 98 13.82 -19.34 -10.22
CA GLU B 98 13.53 -19.61 -11.64
C GLU B 98 12.10 -19.21 -12.02
N ILE B 99 11.14 -19.53 -11.13
CA ILE B 99 9.73 -19.17 -11.33
C ILE B 99 9.55 -17.65 -11.46
N THR B 100 10.27 -16.91 -10.63
CA THR B 100 10.18 -15.46 -10.58
C THR B 100 10.74 -14.85 -11.84
N GLN B 101 11.80 -15.48 -12.35
CA GLN B 101 12.47 -15.00 -13.56
C GLN B 101 11.57 -15.19 -14.77
N ARG B 102 11.01 -16.39 -14.88
CA ARG B 102 10.10 -16.73 -15.96
C ARG B 102 8.94 -15.74 -16.02
N LEU B 103 8.31 -15.50 -14.88
CA LEU B 103 7.15 -14.62 -14.84
C LEU B 103 7.46 -13.17 -15.23
N PHE B 104 8.51 -12.59 -14.65
CA PHE B 104 8.99 -11.30 -15.11
C PHE B 104 9.35 -11.33 -16.58
N PHE B 105 10.09 -12.35 -16.99
CA PHE B 105 10.51 -12.48 -18.38
C PHE B 105 9.31 -12.38 -19.31
N LEU B 106 8.30 -13.22 -19.07
CA LEU B 106 7.12 -13.27 -19.92
C LEU B 106 6.30 -11.98 -19.87
N GLN B 107 6.17 -11.39 -18.69
CA GLN B 107 5.42 -10.16 -18.54
C GLN B 107 6.09 -9.01 -19.30
N VAL B 108 7.39 -8.85 -19.08
CA VAL B 108 8.19 -7.81 -19.76
C VAL B 108 8.13 -7.99 -21.27
N LYS B 109 8.35 -9.22 -21.73
CA LYS B 109 8.31 -9.51 -23.16
C LYS B 109 6.98 -9.09 -23.74
N GLU B 110 5.89 -9.38 -23.04
CA GLU B 110 4.55 -9.05 -23.52
C GLU B 110 4.36 -7.55 -23.73
N ALA B 111 4.81 -6.76 -22.76
CA ALA B 111 4.76 -5.32 -22.86
C ALA B 111 5.59 -4.79 -24.03
N ILE B 112 6.72 -5.42 -24.30
CA ILE B 112 7.57 -5.01 -25.42
C ILE B 112 6.93 -5.35 -26.76
N LEU B 113 6.45 -6.59 -26.91
CA LEU B 113 5.79 -7.02 -28.14
C LEU B 113 4.50 -6.24 -28.39
N ASN B 114 3.86 -5.77 -27.31
CA ASN B 114 2.61 -5.01 -27.38
C ASN B 114 2.81 -3.50 -27.45
N ASP B 115 4.05 -3.08 -27.62
CA ASP B 115 4.40 -1.66 -27.69
C ASP B 115 4.07 -0.86 -26.43
N GLU B 116 3.82 -1.54 -25.31
CA GLU B 116 3.65 -0.89 -24.01
C GLU B 116 4.97 -0.32 -23.49
N ILE B 117 6.04 -1.11 -23.62
CA ILE B 117 7.40 -0.61 -23.38
C ILE B 117 8.04 -0.35 -24.74
N TYR B 118 8.55 0.85 -24.95
CA TYR B 118 9.21 1.20 -26.20
C TYR B 118 10.53 0.48 -26.35
N CYS B 119 10.81 0.02 -27.57
CA CYS B 119 12.07 -0.68 -27.87
C CYS B 119 12.58 -0.39 -29.29
N PRO B 120 13.86 0.03 -29.41
CA PRO B 120 14.40 0.33 -30.73
C PRO B 120 14.62 -0.95 -31.53
N PRO B 121 14.71 -0.86 -32.87
CA PRO B 121 14.75 -2.02 -33.76
C PRO B 121 15.89 -3.03 -33.59
N GLU B 122 17.11 -2.58 -33.30
CA GLU B 122 18.24 -3.53 -33.16
C GLU B 122 18.17 -4.32 -31.87
N THR B 123 17.77 -3.65 -30.79
CA THR B 123 17.62 -4.28 -29.49
C THR B 123 16.48 -5.29 -29.52
N ALA B 124 15.42 -4.94 -30.26
CA ALA B 124 14.27 -5.79 -30.48
C ALA B 124 14.65 -7.14 -31.09
N VAL B 125 15.56 -7.11 -32.05
CA VAL B 125 16.05 -8.33 -32.69
C VAL B 125 16.89 -9.17 -31.70
N LEU B 126 17.68 -8.49 -30.88
CA LEU B 126 18.47 -9.18 -29.85
C LEU B 126 17.59 -9.79 -28.76
N LEU B 127 16.55 -9.05 -28.36
CA LEU B 127 15.60 -9.58 -27.37
C LEU B 127 14.81 -10.75 -27.94
N ALA B 128 14.37 -10.61 -29.19
CA ALA B 128 13.71 -11.68 -29.91
C ALA B 128 14.58 -12.95 -29.92
N SER B 129 15.87 -12.79 -30.19
CA SER B 129 16.76 -13.94 -30.30
C SER B 129 16.96 -14.68 -28.97
N TYR B 130 16.98 -13.94 -27.88
CA TYR B 130 17.01 -14.55 -26.54
C TYR B 130 15.70 -15.29 -26.23
N ALA B 131 14.57 -14.76 -26.70
CA ALA B 131 13.29 -15.43 -26.54
C ALA B 131 13.29 -16.76 -27.31
N VAL B 132 13.88 -16.73 -28.50
CA VAL B 132 13.98 -17.90 -29.37
C VAL B 132 14.94 -18.93 -28.79
N GLN B 133 16.06 -18.47 -28.25
CA GLN B 133 16.98 -19.37 -27.59
C GLN B 133 16.29 -20.05 -26.41
N ALA B 134 15.58 -19.27 -25.61
CA ALA B 134 14.81 -19.81 -24.48
C ALA B 134 13.78 -20.83 -24.93
N LYS B 135 12.99 -20.49 -25.94
CA LYS B 135 11.96 -21.36 -26.47
C LYS B 135 12.49 -22.59 -27.23
N TYR B 136 13.46 -22.40 -28.12
CA TYR B 136 13.86 -23.47 -29.06
C TYR B 136 15.09 -24.29 -28.67
N GLY B 137 15.85 -23.82 -27.67
CA GLY B 137 17.15 -24.42 -27.35
C GLY B 137 18.14 -23.98 -28.41
N ASP B 138 19.24 -24.73 -28.53
CA ASP B 138 20.33 -24.41 -29.46
C ASP B 138 19.90 -24.46 -30.91
N TYR B 139 20.42 -23.52 -31.71
CA TYR B 139 20.21 -23.55 -33.15
C TYR B 139 20.77 -24.82 -33.77
N ASN B 140 19.96 -25.45 -34.61
CA ASN B 140 20.31 -26.71 -35.25
C ASN B 140 20.00 -26.65 -36.75
N LYS B 141 21.06 -26.62 -37.56
CA LYS B 141 20.95 -26.58 -39.02
C LYS B 141 19.85 -27.52 -39.51
N GLU B 142 19.84 -28.74 -38.98
CA GLU B 142 18.91 -29.80 -39.37
C GLU B 142 17.45 -29.46 -39.07
N ILE B 143 17.16 -29.09 -37.82
CA ILE B 143 15.80 -28.83 -37.38
C ILE B 143 15.30 -27.43 -37.80
N HIS B 144 16.06 -26.40 -37.48
CA HIS B 144 15.61 -25.04 -37.70
C HIS B 144 15.82 -24.58 -39.14
N LYS B 145 14.95 -25.05 -40.03
CA LYS B 145 15.00 -24.68 -41.44
C LYS B 145 14.42 -23.29 -41.65
N PRO B 146 14.95 -22.52 -42.62
CA PRO B 146 14.39 -21.19 -42.90
C PRO B 146 12.86 -21.24 -42.95
N GLY B 147 12.21 -20.43 -42.13
CA GLY B 147 10.76 -20.47 -41.98
C GLY B 147 10.31 -20.97 -40.62
N TYR B 148 11.26 -21.39 -39.79
CA TYR B 148 10.94 -21.97 -38.49
C TYR B 148 10.46 -20.93 -37.48
N LEU B 149 10.72 -19.67 -37.78
CA LEU B 149 10.24 -18.59 -36.92
C LEU B 149 8.98 -17.94 -37.50
N ALA B 150 8.31 -18.64 -38.41
CA ALA B 150 7.13 -18.10 -39.08
C ALA B 150 5.88 -18.07 -38.20
N ASN B 151 5.81 -18.98 -37.22
CA ASN B 151 4.66 -19.04 -36.34
C ASN B 151 4.97 -18.49 -34.95
N ASP B 152 5.77 -17.44 -34.91
CA ASP B 152 6.11 -16.77 -33.67
C ASP B 152 5.86 -15.28 -33.80
N ARG B 153 5.28 -14.69 -32.76
CA ARG B 153 5.28 -13.24 -32.64
C ARG B 153 6.61 -12.88 -31.99
N LEU B 154 7.46 -12.17 -32.72
CA LEU B 154 8.83 -11.93 -32.27
C LEU B 154 9.16 -10.47 -32.04
N LEU B 155 8.47 -9.58 -32.75
CA LEU B 155 8.79 -8.17 -32.77
C LEU B 155 7.55 -7.32 -32.49
N PRO B 156 7.73 -6.12 -31.92
CA PRO B 156 6.65 -5.14 -31.82
C PRO B 156 6.19 -4.66 -33.20
N GLN B 157 4.95 -4.15 -33.28
CA GLN B 157 4.41 -3.62 -34.54
C GLN B 157 5.18 -2.38 -34.98
N ARG B 158 5.50 -1.51 -34.03
CA ARG B 158 6.27 -0.30 -34.30
C ARG B 158 7.55 -0.58 -35.11
N VAL B 159 8.21 -1.69 -34.80
CA VAL B 159 9.40 -2.08 -35.56
C VAL B 159 9.04 -2.51 -36.97
N LEU B 160 7.99 -3.33 -37.08
CA LEU B 160 7.59 -3.96 -38.34
C LEU B 160 6.96 -2.98 -39.33
N GLU B 161 6.47 -1.85 -38.83
CA GLU B 161 5.84 -0.84 -39.68
C GLU B 161 6.76 0.37 -39.97
N GLN B 162 7.96 0.36 -39.40
CA GLN B 162 8.92 1.46 -39.58
C GLN B 162 10.17 1.04 -40.38
N HIS B 163 10.01 -0.01 -41.19
CA HIS B 163 11.07 -0.55 -42.03
C HIS B 163 10.46 -1.22 -43.27
N LYS B 164 11.31 -1.52 -44.24
CA LYS B 164 10.88 -2.16 -45.48
C LYS B 164 11.35 -3.61 -45.58
N LEU B 165 11.63 -4.22 -44.44
CA LEU B 165 12.07 -5.61 -44.40
C LEU B 165 10.87 -6.54 -44.44
N THR B 166 10.96 -7.60 -45.24
CA THR B 166 9.90 -8.59 -45.32
C THR B 166 9.99 -9.54 -44.12
N LYS B 167 8.91 -10.29 -43.88
CA LYS B 167 8.86 -11.17 -42.72
C LYS B 167 10.01 -12.18 -42.69
N GLU B 168 10.39 -12.69 -43.85
CA GLU B 168 11.48 -13.66 -43.96
C GLU B 168 12.83 -13.01 -43.69
N GLN B 169 12.95 -11.73 -44.06
CA GLN B 169 14.15 -10.96 -43.78
C GLN B 169 14.33 -10.66 -42.29
N TRP B 170 13.22 -10.39 -41.60
CA TRP B 170 13.26 -10.15 -40.16
C TRP B 170 13.66 -11.41 -39.41
N GLU B 171 13.09 -12.53 -39.85
CA GLU B 171 13.38 -13.82 -39.26
C GLU B 171 14.85 -14.19 -39.44
N GLU B 172 15.41 -13.82 -40.59
CA GLU B 172 16.82 -14.02 -40.89
C GLU B 172 17.73 -13.29 -39.88
N ARG B 173 17.38 -12.06 -39.56
CA ARG B 173 18.15 -11.25 -38.62
C ARG B 173 18.06 -11.78 -37.19
N ILE B 174 16.89 -12.31 -36.83
CA ILE B 174 16.70 -12.94 -35.52
C ILE B 174 17.47 -14.27 -35.46
N GLN B 175 17.49 -14.97 -36.59
CA GLN B 175 18.15 -16.27 -36.70
C GLN B 175 19.66 -16.15 -36.59
N ASN B 176 20.22 -15.15 -37.28
CA ASN B 176 21.66 -14.94 -37.24
C ASN B 176 22.14 -14.78 -35.81
N TRP B 177 21.39 -14.00 -35.02
CA TRP B 177 21.64 -13.87 -33.59
C TRP B 177 21.49 -15.21 -32.86
N HIS B 178 20.36 -15.90 -33.08
CA HIS B 178 20.08 -17.18 -32.46
C HIS B 178 21.25 -18.17 -32.64
N GLU B 179 21.83 -18.20 -33.84
CA GLU B 179 22.98 -19.06 -34.12
C GLU B 179 24.14 -18.82 -33.15
N GLU B 180 24.21 -17.61 -32.62
CA GLU B 180 25.37 -17.14 -31.84
C GLU B 180 25.19 -17.31 -30.34
N HIS B 181 23.99 -17.71 -29.93
CA HIS B 181 23.71 -17.95 -28.50
C HIS B 181 23.87 -19.43 -28.12
N ARG B 182 24.47 -20.22 -29.00
CA ARG B 182 24.54 -21.67 -28.80
C ARG B 182 25.08 -22.07 -27.44
N GLY B 183 24.36 -22.95 -26.76
CA GLY B 183 24.77 -23.47 -25.44
C GLY B 183 24.25 -22.69 -24.25
N MET B 184 23.54 -21.60 -24.50
CA MET B 184 22.99 -20.79 -23.43
C MET B 184 21.69 -21.40 -22.93
N LEU B 185 21.63 -21.66 -21.63
CA LEU B 185 20.46 -22.30 -21.01
C LEU B 185 19.23 -21.39 -20.96
N ARG B 186 18.06 -22.00 -20.75
CA ARG B 186 16.76 -21.34 -20.71
C ARG B 186 16.75 -20.19 -19.69
N GLU B 187 17.20 -20.51 -18.48
CA GLU B 187 17.28 -19.56 -17.37
C GLU B 187 18.20 -18.37 -17.67
N ASP B 188 19.36 -18.64 -18.27
CA ASP B 188 20.31 -17.59 -18.64
C ASP B 188 19.82 -16.68 -19.78
N SER B 189 19.16 -17.29 -20.76
CA SER B 189 18.52 -16.59 -21.86
C SER B 189 17.47 -15.59 -21.38
N MET B 190 16.65 -16.00 -20.43
CA MET B 190 15.67 -15.11 -19.81
C MET B 190 16.32 -13.99 -18.99
N MET B 191 17.40 -14.30 -18.27
CA MET B 191 18.14 -13.28 -17.55
C MET B 191 18.83 -12.29 -18.49
N GLU B 192 19.41 -12.79 -19.57
CA GLU B 192 20.01 -11.92 -20.56
C GLU B 192 19.00 -10.97 -21.14
N TYR B 193 17.81 -11.49 -21.43
CA TYR B 193 16.70 -10.69 -21.93
C TYR B 193 16.38 -9.56 -20.96
N LEU B 194 16.27 -9.92 -19.69
CA LEU B 194 15.93 -8.99 -18.63
C LEU B 194 17.03 -7.98 -18.34
N LYS B 195 18.28 -8.43 -18.39
CA LYS B 195 19.44 -7.54 -18.26
C LYS B 195 19.35 -6.42 -19.29
N ILE B 196 18.88 -6.76 -20.49
CA ILE B 196 18.77 -5.80 -21.57
C ILE B 196 17.49 -4.96 -21.48
N ALA B 197 16.41 -5.59 -21.05
CA ALA B 197 15.14 -4.87 -20.95
C ALA B 197 15.15 -3.85 -19.83
N GLN B 198 15.77 -4.17 -18.71
CA GLN B 198 15.71 -3.29 -17.54
C GLN B 198 16.41 -1.94 -17.78
N ASP B 199 17.13 -1.83 -18.89
CA ASP B 199 17.81 -0.59 -19.27
C ASP B 199 17.05 0.23 -20.31
N LEU B 200 15.84 -0.18 -20.67
CA LEU B 200 15.01 0.62 -21.56
C LEU B 200 14.37 1.72 -20.73
N GLU B 201 14.24 2.92 -21.30
CA GLU B 201 13.75 4.08 -20.53
C GLU B 201 12.40 3.81 -19.86
N MET B 202 11.50 3.17 -20.61
CA MET B 202 10.14 2.91 -20.16
C MET B 202 9.98 1.69 -19.24
N TYR B 203 11.04 0.90 -19.10
CA TYR B 203 10.96 -0.29 -18.26
C TYR B 203 10.65 0.04 -16.80
N GLY B 204 9.57 -0.53 -16.30
CA GLY B 204 9.27 -0.48 -14.86
C GLY B 204 8.82 0.87 -14.33
N VAL B 205 8.33 1.73 -15.22
CA VAL B 205 7.73 2.98 -14.80
C VAL B 205 6.26 3.01 -15.17
N ASN B 206 5.45 3.49 -14.24
CA ASN B 206 4.04 3.71 -14.48
C ASN B 206 3.82 5.17 -14.79
N TYR B 207 3.27 5.42 -15.97
CA TYR B 207 3.02 6.79 -16.43
C TYR B 207 1.60 7.19 -16.11
N PHE B 208 1.44 8.41 -15.62
CA PHE B 208 0.13 8.98 -15.38
C PHE B 208 0.04 10.36 -16.00
N GLU B 209 -1.09 10.67 -16.59
CA GLU B 209 -1.32 12.02 -17.09
C GLU B 209 -1.50 12.96 -15.91
N ILE B 210 -0.68 14.01 -15.90
CA ILE B 210 -0.77 15.05 -14.88
C ILE B 210 -0.84 16.44 -15.51
N LYS B 211 -1.04 17.45 -14.67
CA LYS B 211 -1.31 18.80 -15.15
C LYS B 211 -0.58 19.83 -14.28
N ASN B 212 0.06 20.81 -14.91
CA ASN B 212 0.55 21.98 -14.19
C ASN B 212 -0.59 22.98 -13.96
N LYS B 213 -0.34 24.01 -13.13
CA LYS B 213 -1.33 25.07 -12.87
C LYS B 213 -1.86 25.69 -14.16
N LYS B 214 -0.97 25.82 -15.14
CA LYS B 214 -1.30 26.34 -16.46
C LYS B 214 -2.33 25.47 -17.20
N GLY B 215 -2.33 24.17 -16.91
CA GLY B 215 -3.26 23.24 -17.55
C GLY B 215 -2.66 22.43 -18.69
N THR B 216 -1.33 22.39 -18.77
CA THR B 216 -0.60 21.61 -19.75
C THR B 216 -0.55 20.14 -19.33
N GLU B 217 -0.89 19.25 -20.27
CA GLU B 217 -0.89 17.81 -20.02
C GLU B 217 0.53 17.26 -20.04
N LEU B 218 0.89 16.52 -18.99
CA LEU B 218 2.24 15.97 -18.83
C LEU B 218 2.16 14.55 -18.28
N TRP B 219 3.28 13.83 -18.34
CA TRP B 219 3.35 12.51 -17.73
C TRP B 219 4.12 12.55 -16.42
N LEU B 220 3.55 11.88 -15.41
CA LEU B 220 4.26 11.61 -14.18
C LEU B 220 4.64 10.15 -14.21
N GLY B 221 5.90 9.87 -13.92
CA GLY B 221 6.38 8.51 -13.86
C GLY B 221 6.68 8.13 -12.43
N VAL B 222 6.20 6.96 -12.00
CA VAL B 222 6.60 6.37 -10.73
C VAL B 222 7.35 5.09 -11.03
N ASP B 223 8.56 4.96 -10.51
CA ASP B 223 9.34 3.75 -10.66
C ASP B 223 10.12 3.41 -9.38
N ALA B 224 10.92 2.35 -9.45
CA ALA B 224 11.78 1.88 -8.35
C ALA B 224 12.74 2.96 -7.82
N LEU B 225 13.30 3.78 -8.71
CA LEU B 225 14.29 4.79 -8.32
C LEU B 225 13.69 6.08 -7.79
N GLY B 226 12.50 6.45 -8.28
CA GLY B 226 11.83 7.67 -7.84
C GLY B 226 10.70 8.15 -8.74
N LEU B 227 10.42 9.45 -8.71
CA LEU B 227 9.42 10.06 -9.58
C LEU B 227 10.08 10.87 -10.70
N ASN B 228 9.38 10.97 -11.84
CA ASN B 228 9.88 11.75 -12.97
C ASN B 228 8.75 12.42 -13.75
N ILE B 229 9.05 13.59 -14.32
CA ILE B 229 8.08 14.29 -15.19
C ILE B 229 8.55 14.27 -16.64
N TYR B 230 7.67 13.83 -17.52
CA TYR B 230 7.94 13.80 -18.94
C TYR B 230 7.02 14.78 -19.64
N GLU B 231 7.48 15.35 -20.74
CA GLU B 231 6.58 16.07 -21.63
C GLU B 231 5.66 15.05 -22.29
N HIS B 232 4.40 15.43 -22.45
CA HIS B 232 3.38 14.55 -23.01
C HIS B 232 3.81 13.86 -24.29
N ASP B 233 4.66 14.55 -25.04
CA ASP B 233 5.14 14.14 -26.37
C ASP B 233 6.18 13.01 -26.30
N ASP B 234 6.90 12.92 -25.19
CA ASP B 234 8.07 12.05 -25.10
C ASP B 234 8.24 11.43 -23.72
N LYS B 235 7.87 10.16 -23.61
CA LYS B 235 7.95 9.43 -22.36
C LYS B 235 9.33 8.79 -22.10
N LEU B 236 10.26 9.03 -23.03
CA LEU B 236 11.62 8.49 -22.91
C LEU B 236 12.55 9.44 -22.15
N THR B 237 12.38 10.74 -22.36
CA THR B 237 13.28 11.72 -21.78
C THR B 237 12.66 12.33 -20.54
N PRO B 238 13.21 12.01 -19.36
CA PRO B 238 12.75 12.65 -18.13
C PRO B 238 13.26 14.09 -18.03
N LYS B 239 12.36 15.03 -17.76
CA LYS B 239 12.73 16.44 -17.67
C LYS B 239 12.89 16.93 -16.23
N ILE B 240 12.23 16.26 -15.28
CA ILE B 240 12.41 16.53 -13.85
C ILE B 240 12.45 15.22 -13.09
N GLY B 241 13.42 15.09 -12.17
CA GLY B 241 13.60 13.86 -11.38
C GLY B 241 13.41 14.06 -9.89
N PHE B 242 13.01 13.00 -9.19
CA PHE B 242 12.74 13.06 -7.75
C PHE B 242 13.17 11.76 -7.04
N PRO B 243 14.48 11.48 -6.94
CA PRO B 243 14.88 10.20 -6.29
C PRO B 243 14.28 10.02 -4.89
N TRP B 244 13.95 8.78 -4.53
CA TRP B 244 13.23 8.50 -3.29
C TRP B 244 13.97 9.01 -2.06
N SER B 245 15.28 9.17 -2.21
CA SER B 245 16.15 9.63 -1.13
C SER B 245 15.96 11.11 -0.80
N GLU B 246 15.20 11.82 -1.64
CA GLU B 246 14.98 13.25 -1.47
C GLU B 246 13.55 13.58 -1.06
N ILE B 247 12.74 12.56 -0.81
CA ILE B 247 11.30 12.73 -0.55
C ILE B 247 10.92 12.39 0.90
N ARG B 248 10.12 13.25 1.51
CA ARG B 248 9.73 13.15 2.91
C ARG B 248 8.29 12.64 3.05
N ASN B 249 7.41 13.17 2.22
CA ASN B 249 6.01 12.80 2.22
C ASN B 249 5.39 13.05 0.86
N ILE B 250 4.49 12.15 0.45
CA ILE B 250 3.62 12.39 -0.69
C ILE B 250 2.19 12.22 -0.21
N SER B 251 1.33 13.13 -0.63
CA SER B 251 -0.07 13.09 -0.27
C SER B 251 -0.87 13.76 -1.37
N PHE B 252 -2.11 13.30 -1.53
CA PHE B 252 -2.99 13.91 -2.49
C PHE B 252 -4.33 14.33 -1.87
N ASN B 253 -4.61 15.61 -2.01
CA ASN B 253 -5.87 16.20 -1.60
C ASN B 253 -6.69 16.39 -2.86
N ASP B 254 -7.79 15.65 -2.96
CA ASP B 254 -8.72 15.80 -4.07
C ASP B 254 -8.03 15.62 -5.44
N LYS B 255 -7.65 16.74 -6.06
CA LYS B 255 -6.95 16.70 -7.34
C LYS B 255 -5.51 17.20 -7.22
N LYS B 256 -5.17 17.76 -6.06
CA LYS B 256 -3.87 18.34 -5.80
C LYS B 256 -2.91 17.32 -5.18
N PHE B 257 -1.67 17.30 -5.66
CA PHE B 257 -0.64 16.40 -5.15
C PHE B 257 0.50 17.19 -4.55
N VAL B 258 0.90 16.86 -3.33
CA VAL B 258 2.02 17.56 -2.68
C VAL B 258 3.17 16.61 -2.40
N ILE B 259 4.38 17.04 -2.73
CA ILE B 259 5.59 16.29 -2.42
C ILE B 259 6.54 17.11 -1.54
N LYS B 260 6.60 16.78 -0.24
CA LYS B 260 7.57 17.40 0.66
C LYS B 260 8.96 16.80 0.48
N PRO B 261 10.01 17.63 0.37
CA PRO B 261 11.38 17.14 0.23
C PRO B 261 12.09 16.86 1.56
N ILE B 262 13.27 16.25 1.48
CA ILE B 262 14.14 16.05 2.64
C ILE B 262 15.04 17.28 2.82
N ASP B 263 14.42 18.42 3.12
CA ASP B 263 15.13 19.69 3.30
C ASP B 263 14.48 20.62 4.30
N LYS B 264 13.14 20.72 4.22
CA LYS B 264 12.36 21.73 4.97
C LYS B 264 12.78 23.16 4.66
N LYS B 265 13.96 23.31 4.05
CA LYS B 265 14.47 24.60 3.60
C LYS B 265 14.44 24.62 2.06
N ALA B 266 13.42 23.99 1.51
CA ALA B 266 13.19 23.93 0.07
C ALA B 266 11.67 23.84 -0.17
N PRO B 267 11.19 24.37 -1.30
CA PRO B 267 9.73 24.45 -1.53
C PRO B 267 9.07 23.10 -1.84
N ASP B 268 7.78 23.02 -1.55
CA ASP B 268 6.94 21.88 -1.93
C ASP B 268 6.76 21.86 -3.44
N PHE B 269 6.49 20.67 -3.98
CA PHE B 269 6.20 20.52 -5.41
C PHE B 269 4.76 20.07 -5.58
N VAL B 270 3.96 20.86 -6.29
CA VAL B 270 2.57 20.48 -6.55
C VAL B 270 2.34 20.05 -7.98
N PHE B 271 1.46 19.08 -8.19
CA PHE B 271 0.91 18.78 -9.51
C PHE B 271 -0.56 18.36 -9.42
N TYR B 272 -1.18 18.20 -10.58
CA TYR B 272 -2.62 17.92 -10.64
C TYR B 272 -2.92 16.66 -11.44
N ALA B 273 -3.87 15.87 -10.93
CA ALA B 273 -4.28 14.63 -11.59
C ALA B 273 -5.80 14.49 -11.60
N PRO B 274 -6.38 14.26 -12.80
CA PRO B 274 -7.84 14.33 -13.03
C PRO B 274 -8.72 13.36 -12.22
N ARG B 275 -8.47 12.05 -12.29
CA ARG B 275 -9.39 11.06 -11.67
C ARG B 275 -9.00 10.60 -10.26
N LEU B 276 -10.02 10.35 -9.43
CA LEU B 276 -9.83 9.91 -8.04
C LEU B 276 -9.29 8.49 -7.96
N ARG B 277 -9.86 7.60 -8.77
CA ARG B 277 -9.46 6.20 -8.84
C ARG B 277 -7.95 6.08 -9.11
N ILE B 278 -7.47 6.79 -10.12
CA ILE B 278 -6.07 6.73 -10.54
C ILE B 278 -5.14 7.21 -9.42
N ASN B 279 -5.51 8.29 -8.77
CA ASN B 279 -4.67 8.89 -7.71
C ASN B 279 -4.50 7.99 -6.50
N LYS B 280 -5.47 7.12 -6.27
CA LYS B 280 -5.34 6.08 -5.26
C LYS B 280 -4.15 5.18 -5.62
N ARG B 281 -4.15 4.67 -6.85
CA ARG B 281 -3.05 3.83 -7.37
C ARG B 281 -1.68 4.53 -7.41
N ILE B 282 -1.69 5.82 -7.75
CA ILE B 282 -0.46 6.63 -7.75
C ILE B 282 0.17 6.61 -6.37
N LEU B 283 -0.63 6.91 -5.36
CA LEU B 283 -0.16 6.94 -3.98
C LEU B 283 0.37 5.56 -3.60
N ALA B 284 -0.38 4.52 -3.97
CA ALA B 284 -0.05 3.15 -3.64
C ALA B 284 1.31 2.70 -4.20
N LEU B 285 1.58 3.06 -5.46
CA LEU B 285 2.87 2.75 -6.09
C LEU B 285 4.00 3.53 -5.44
N CYS B 286 3.73 4.76 -5.06
CA CYS B 286 4.76 5.60 -4.45
C CYS B 286 5.21 5.02 -3.12
N MET B 287 4.25 4.54 -2.34
CA MET B 287 4.53 3.96 -1.03
C MET B 287 5.26 2.64 -1.16
N GLY B 288 4.75 1.77 -2.04
CA GLY B 288 5.37 0.48 -2.31
C GLY B 288 6.77 0.56 -2.88
N ASN B 289 6.98 1.44 -3.85
CA ASN B 289 8.29 1.60 -4.48
C ASN B 289 9.33 2.16 -3.52
N HIS B 290 8.91 3.14 -2.73
CA HIS B 290 9.73 3.78 -1.71
C HIS B 290 10.06 2.82 -0.57
N GLU B 291 9.08 2.00 -0.20
CA GLU B 291 9.29 0.96 0.81
C GLU B 291 10.48 0.10 0.40
N LEU B 292 10.38 -0.48 -0.80
CA LEU B 292 11.39 -1.38 -1.35
C LEU B 292 12.73 -0.69 -1.56
N TYR B 293 12.69 0.53 -2.09
CA TYR B 293 13.89 1.36 -2.25
C TYR B 293 14.73 1.36 -0.98
N MET B 294 14.05 1.54 0.16
CA MET B 294 14.70 1.55 1.47
C MET B 294 15.16 0.15 1.87
N ARG B 295 14.35 -0.87 1.58
CA ARG B 295 14.69 -2.26 1.91
C ARG B 295 16.04 -2.65 1.31
N ARG B 296 16.24 -2.34 0.03
CA ARG B 296 17.45 -2.69 -0.68
C ARG B 296 18.72 -2.09 -0.05
N ARG B 297 18.53 -1.18 0.90
CA ARG B 297 19.64 -0.50 1.57
C ARG B 297 19.53 -0.58 3.09
N LYS B 298 19.24 -1.77 3.61
CA LYS B 298 19.17 -2.02 5.06
C LYS B 298 19.88 -3.32 5.44
N LYS C 5 6.45 -22.23 -48.44
CA LYS C 5 5.48 -21.70 -47.44
C LYS C 5 5.36 -22.61 -46.22
N PRO C 6 5.70 -22.09 -45.02
CA PRO C 6 5.68 -22.85 -43.78
C PRO C 6 4.27 -23.11 -43.25
N ILE C 7 4.04 -24.32 -42.73
CA ILE C 7 2.76 -24.68 -42.09
C ILE C 7 2.89 -24.62 -40.57
N ASN C 8 2.00 -23.84 -39.96
CA ASN C 8 1.91 -23.72 -38.50
C ASN C 8 1.47 -25.02 -37.86
N VAL C 9 2.04 -25.30 -36.69
CA VAL C 9 1.65 -26.46 -35.89
C VAL C 9 1.42 -26.08 -34.42
N ARG C 10 0.61 -26.86 -33.73
CA ARG C 10 0.39 -26.66 -32.30
C ARG C 10 0.56 -27.99 -31.58
N VAL C 11 1.53 -28.02 -30.68
CA VAL C 11 1.83 -29.21 -29.90
C VAL C 11 1.48 -28.92 -28.46
N THR C 12 0.53 -29.67 -27.91
CA THR C 12 0.19 -29.44 -26.50
C THR C 12 0.70 -30.59 -25.65
N THR C 13 1.39 -30.23 -24.57
CA THR C 13 1.78 -31.18 -23.55
C THR C 13 0.64 -31.20 -22.53
N MET C 14 0.82 -31.97 -21.46
CA MET C 14 -0.19 -32.00 -20.41
C MET C 14 -0.42 -30.63 -19.75
N ASP C 15 0.60 -29.76 -19.77
CA ASP C 15 0.49 -28.44 -19.13
C ASP C 15 0.99 -27.23 -19.93
N ALA C 16 1.19 -27.39 -21.24
CA ALA C 16 1.70 -26.29 -22.08
C ALA C 16 1.28 -26.45 -23.53
N GLU C 17 0.89 -25.34 -24.15
CA GLU C 17 0.61 -25.31 -25.60
C GLU C 17 1.79 -24.68 -26.35
N LEU C 18 2.40 -25.43 -27.25
CA LEU C 18 3.60 -24.95 -27.97
C LEU C 18 3.36 -24.71 -29.45
N GLU C 19 3.82 -23.57 -29.94
CA GLU C 19 3.60 -23.19 -31.34
C GLU C 19 4.90 -23.19 -32.15
N PHE C 20 4.89 -23.92 -33.26
CA PHE C 20 6.05 -24.03 -34.14
C PHE C 20 5.65 -23.91 -35.61
N ALA C 21 6.64 -24.02 -36.48
CA ALA C 21 6.40 -23.99 -37.91
C ALA C 21 7.15 -25.13 -38.58
N ILE C 22 6.49 -25.87 -39.46
CA ILE C 22 7.14 -26.95 -40.20
C ILE C 22 7.16 -26.72 -41.70
N GLN C 23 8.25 -27.15 -42.32
CA GLN C 23 8.41 -27.13 -43.77
C GLN C 23 7.86 -28.42 -44.40
N PRO C 24 7.43 -28.36 -45.68
CA PRO C 24 6.94 -29.55 -46.40
C PRO C 24 7.83 -30.79 -46.28
N ASN C 25 9.13 -30.58 -46.07
CA ASN C 25 10.08 -31.70 -45.96
C ASN C 25 10.46 -32.09 -44.52
N THR C 26 9.79 -31.49 -43.52
CA THR C 26 10.08 -31.81 -42.12
C THR C 26 9.50 -33.16 -41.72
N THR C 27 10.31 -33.97 -41.03
CA THR C 27 9.89 -35.30 -40.61
C THR C 27 9.36 -35.33 -39.17
N GLY C 28 8.86 -36.49 -38.75
CA GLY C 28 8.37 -36.65 -37.40
C GLY C 28 9.48 -36.44 -36.39
N LYS C 29 10.65 -36.99 -36.71
CA LYS C 29 11.84 -36.94 -35.85
C LYS C 29 12.18 -35.50 -35.50
N GLN C 30 12.13 -34.63 -36.50
CA GLN C 30 12.52 -33.24 -36.34
C GLN C 30 11.57 -32.45 -35.45
N LEU C 31 10.26 -32.59 -35.69
CA LEU C 31 9.26 -32.00 -34.82
C LEU C 31 9.34 -32.58 -33.41
N PHE C 32 9.50 -33.90 -33.30
CA PHE C 32 9.63 -34.56 -32.01
C PHE C 32 10.81 -33.99 -31.21
N ASP C 33 11.96 -33.87 -31.86
CA ASP C 33 13.18 -33.35 -31.25
C ASP C 33 13.02 -31.92 -30.75
N GLN C 34 12.29 -31.10 -31.51
CA GLN C 34 12.03 -29.73 -31.13
C GLN C 34 11.22 -29.67 -29.84
N VAL C 35 10.19 -30.51 -29.77
CA VAL C 35 9.35 -30.56 -28.59
C VAL C 35 10.21 -30.89 -27.37
N VAL C 36 11.00 -31.95 -27.44
CA VAL C 36 11.81 -32.36 -26.28
C VAL C 36 12.90 -31.35 -25.95
N LYS C 37 13.36 -30.60 -26.96
CA LYS C 37 14.28 -29.50 -26.71
C LYS C 37 13.56 -28.40 -25.94
N THR C 38 12.40 -27.99 -26.44
CA THR C 38 11.59 -26.95 -25.82
C THR C 38 11.18 -27.31 -24.39
N VAL C 39 10.89 -28.58 -24.16
CA VAL C 39 10.45 -29.08 -22.87
C VAL C 39 11.65 -29.40 -21.94
N GLY C 40 12.84 -29.53 -22.55
CA GLY C 40 14.04 -29.90 -21.81
C GLY C 40 14.03 -31.36 -21.34
N LEU C 41 13.46 -32.23 -22.16
CA LEU C 41 13.24 -33.63 -21.78
C LEU C 41 14.37 -34.54 -22.26
N ARG C 42 14.87 -35.36 -21.36
CA ARG C 42 15.98 -36.26 -21.68
C ARG C 42 15.55 -37.72 -21.84
N GLU C 43 14.68 -38.18 -20.95
CA GLU C 43 14.11 -39.52 -21.09
C GLU C 43 13.03 -39.53 -22.17
N VAL C 44 13.47 -39.66 -23.42
CA VAL C 44 12.63 -39.42 -24.59
C VAL C 44 11.94 -40.69 -25.12
N TRP C 45 12.47 -41.84 -24.76
CA TRP C 45 11.98 -43.12 -25.26
C TRP C 45 10.52 -43.38 -24.94
N PHE C 46 10.03 -42.81 -23.84
CA PHE C 46 8.66 -43.03 -23.40
C PHE C 46 7.59 -42.33 -24.23
N PHE C 47 7.95 -41.22 -24.85
CA PHE C 47 6.98 -40.29 -25.41
C PHE C 47 6.88 -40.33 -26.94
N GLY C 48 5.77 -39.82 -27.45
CA GLY C 48 5.56 -39.66 -28.87
C GLY C 48 4.54 -38.59 -29.17
N LEU C 49 4.27 -38.38 -30.45
CA LEU C 49 3.27 -37.41 -30.88
C LEU C 49 2.05 -38.11 -31.46
N GLN C 50 0.87 -37.68 -31.02
CA GLN C 50 -0.35 -38.20 -31.60
C GLN C 50 -1.16 -37.12 -32.30
N TYR C 51 -1.62 -37.45 -33.50
CA TYR C 51 -2.43 -36.55 -34.31
C TYR C 51 -3.81 -37.14 -34.61
N VAL C 52 -4.59 -36.41 -35.38
CA VAL C 52 -5.87 -36.90 -35.89
C VAL C 52 -5.76 -36.86 -37.41
N ASP C 53 -6.21 -37.92 -38.07
CA ASP C 53 -6.17 -37.97 -39.54
C ASP C 53 -7.40 -37.31 -40.15
N SER C 54 -7.42 -37.26 -41.48
CA SER C 54 -8.55 -36.71 -42.23
C SER C 54 -9.87 -37.43 -41.93
N LYS C 55 -9.80 -38.72 -41.58
CA LYS C 55 -11.00 -39.52 -41.28
C LYS C 55 -11.49 -39.39 -39.84
N GLY C 56 -10.66 -38.82 -38.96
CA GLY C 56 -11.04 -38.63 -37.56
C GLY C 56 -10.41 -39.56 -36.54
N TYR C 57 -9.56 -40.49 -37.01
CA TYR C 57 -8.87 -41.40 -36.10
C TYR C 57 -7.59 -40.80 -35.52
N SER C 58 -7.49 -40.80 -34.19
CA SER C 58 -6.27 -40.37 -33.52
C SER C 58 -5.17 -41.42 -33.72
N THR C 59 -3.99 -40.95 -34.10
CA THR C 59 -2.91 -41.80 -34.61
C THR C 59 -1.57 -41.29 -34.10
N TRP C 60 -0.69 -42.22 -33.72
CA TRP C 60 0.70 -41.88 -33.42
C TRP C 60 1.43 -41.43 -34.69
N LEU C 61 2.18 -40.35 -34.59
CA LEU C 61 2.95 -39.85 -35.71
C LEU C 61 4.20 -40.69 -35.92
N LYS C 62 4.49 -41.00 -37.18
CA LYS C 62 5.74 -41.67 -37.55
C LYS C 62 6.86 -40.65 -37.60
N LEU C 63 7.92 -40.93 -36.84
CA LEU C 63 9.10 -40.07 -36.75
C LEU C 63 9.92 -40.12 -38.02
N ASN C 64 9.92 -41.30 -38.65
CA ASN C 64 10.75 -41.62 -39.81
C ASN C 64 10.18 -41.15 -41.16
N LYS C 65 8.92 -40.76 -41.20
CA LYS C 65 8.28 -40.24 -42.42
C LYS C 65 7.96 -38.76 -42.28
N LYS C 66 7.88 -38.05 -43.41
CA LYS C 66 7.54 -36.62 -43.39
C LYS C 66 6.15 -36.40 -42.80
N VAL C 67 5.96 -35.26 -42.14
CA VAL C 67 4.73 -34.99 -41.40
C VAL C 67 3.54 -34.77 -42.34
N THR C 68 3.75 -33.95 -43.37
CA THR C 68 2.72 -33.67 -44.36
C THR C 68 2.46 -34.91 -45.20
N GLN C 69 3.37 -35.88 -45.10
CA GLN C 69 3.31 -37.16 -45.80
C GLN C 69 2.40 -38.17 -45.06
N GLN C 70 1.79 -37.75 -43.96
CA GLN C 70 1.10 -38.69 -43.06
C GLN C 70 -0.40 -38.45 -42.87
N ASP C 71 -1.04 -37.80 -43.84
CA ASP C 71 -2.49 -37.51 -43.78
C ASP C 71 -2.93 -37.05 -42.40
N VAL C 72 -2.62 -35.79 -42.08
CA VAL C 72 -3.03 -35.20 -40.82
C VAL C 72 -4.19 -34.26 -41.09
N LYS C 73 -5.21 -34.31 -40.24
CA LYS C 73 -6.36 -33.42 -40.34
C LYS C 73 -5.91 -32.02 -40.70
N LYS C 74 -6.09 -31.65 -41.97
CA LYS C 74 -5.77 -30.32 -42.48
C LYS C 74 -6.53 -29.23 -41.74
N GLU C 75 -5.78 -28.37 -41.06
CA GLU C 75 -6.31 -27.23 -40.31
C GLU C 75 -5.18 -26.23 -40.04
N ASN C 76 -5.56 -25.00 -39.69
CA ASN C 76 -4.58 -23.98 -39.35
C ASN C 76 -4.73 -23.52 -37.91
N PRO C 77 -3.84 -24.00 -37.01
CA PRO C 77 -2.68 -24.84 -37.28
C PRO C 77 -2.97 -26.35 -37.23
N LEU C 78 -2.00 -27.15 -37.65
CA LEU C 78 -2.08 -28.59 -37.44
C LEU C 78 -2.04 -28.87 -35.94
N GLN C 79 -2.69 -29.94 -35.49
CA GLN C 79 -2.83 -30.19 -34.06
C GLN C 79 -2.17 -31.50 -33.60
N PHE C 80 -1.27 -31.39 -32.64
CA PHE C 80 -0.55 -32.54 -32.11
C PHE C 80 -0.63 -32.59 -30.61
N LYS C 81 -0.47 -33.79 -30.06
CA LYS C 81 -0.48 -33.97 -28.62
C LYS C 81 0.72 -34.79 -28.15
N PHE C 82 1.55 -34.17 -27.33
CA PHE C 82 2.73 -34.80 -26.79
C PHE C 82 2.36 -35.65 -25.58
N ARG C 83 2.56 -36.97 -25.71
CA ARG C 83 2.14 -37.90 -24.67
C ARG C 83 3.07 -39.11 -24.55
N ALA C 84 2.99 -39.78 -23.40
CA ALA C 84 3.70 -41.03 -23.18
C ALA C 84 2.98 -42.17 -23.91
N LYS C 85 3.74 -42.95 -24.66
CA LYS C 85 3.24 -44.10 -25.39
C LYS C 85 3.57 -45.37 -24.62
N PHE C 86 4.73 -45.36 -23.95
CA PHE C 86 5.14 -46.48 -23.13
C PHE C 86 5.27 -46.04 -21.67
N PHE C 87 5.19 -46.99 -20.76
CA PHE C 87 5.18 -46.70 -19.33
C PHE C 87 6.26 -47.51 -18.64
N PRO C 88 6.93 -46.91 -17.64
CA PRO C 88 7.93 -47.63 -16.86
C PRO C 88 7.33 -48.75 -16.02
N GLU C 89 8.15 -49.76 -15.71
CA GLU C 89 7.78 -50.78 -14.75
C GLU C 89 7.73 -50.18 -13.36
N ASP C 90 8.69 -49.32 -13.03
CA ASP C 90 8.75 -48.67 -11.73
C ASP C 90 9.04 -47.19 -11.86
N VAL C 91 8.11 -46.37 -11.41
CA VAL C 91 8.23 -44.92 -11.51
C VAL C 91 9.39 -44.40 -10.67
N SER C 92 9.55 -44.98 -9.48
CA SER C 92 10.58 -44.57 -8.54
C SER C 92 11.95 -44.74 -9.16
N GLU C 93 12.25 -45.94 -9.64
CA GLU C 93 13.53 -46.21 -10.27
C GLU C 93 13.74 -45.48 -11.61
N GLU C 94 12.67 -45.33 -12.40
CA GLU C 94 12.81 -44.91 -13.80
C GLU C 94 12.56 -43.44 -14.18
N LEU C 95 11.70 -42.73 -13.44
CA LEU C 95 11.43 -41.34 -13.80
C LEU C 95 12.35 -40.39 -13.06
N ILE C 96 13.45 -40.02 -13.72
CA ILE C 96 14.51 -39.25 -13.08
C ILE C 96 14.19 -37.76 -13.00
N GLN C 97 14.13 -37.10 -14.15
CA GLN C 97 13.82 -35.67 -14.23
C GLN C 97 12.42 -35.35 -13.72
N GLU C 98 12.33 -34.22 -13.01
CA GLU C 98 11.05 -33.68 -12.51
C GLU C 98 10.03 -33.50 -13.64
N ILE C 99 10.50 -33.00 -14.79
CA ILE C 99 9.62 -32.74 -15.93
C ILE C 99 8.93 -34.02 -16.43
N THR C 100 9.69 -35.11 -16.50
CA THR C 100 9.15 -36.41 -16.89
C THR C 100 8.10 -36.89 -15.88
N GLN C 101 8.38 -36.64 -14.60
CA GLN C 101 7.46 -37.01 -13.52
C GLN C 101 6.16 -36.24 -13.61
N ARG C 102 6.24 -34.95 -13.97
CA ARG C 102 5.03 -34.13 -14.05
C ARG C 102 4.13 -34.58 -15.19
N LEU C 103 4.73 -34.89 -16.33
CA LEU C 103 3.99 -35.27 -17.53
C LEU C 103 3.33 -36.64 -17.39
N PHE C 104 3.96 -37.54 -16.64
CA PHE C 104 3.35 -38.81 -16.33
C PHE C 104 2.24 -38.60 -15.31
N PHE C 105 2.53 -37.82 -14.27
CA PHE C 105 1.53 -37.52 -13.24
C PHE C 105 0.26 -36.92 -13.85
N LEU C 106 0.42 -35.92 -14.71
CA LEU C 106 -0.74 -35.28 -15.32
C LEU C 106 -1.47 -36.21 -16.29
N GLN C 107 -0.74 -36.99 -17.07
CA GLN C 107 -1.38 -37.89 -18.03
C GLN C 107 -2.18 -39.01 -17.36
N VAL C 108 -1.53 -39.75 -16.45
CA VAL C 108 -2.21 -40.79 -15.67
C VAL C 108 -3.45 -40.22 -15.00
N LYS C 109 -3.29 -39.09 -14.31
CA LYS C 109 -4.41 -38.45 -13.61
C LYS C 109 -5.58 -38.23 -14.55
N GLU C 110 -5.30 -37.69 -15.74
CA GLU C 110 -6.29 -37.48 -16.77
C GLU C 110 -7.02 -38.79 -17.07
N ALA C 111 -6.24 -39.84 -17.33
CA ALA C 111 -6.81 -41.16 -17.61
C ALA C 111 -7.71 -41.69 -16.48
N ILE C 112 -7.30 -41.44 -15.23
CA ILE C 112 -8.06 -41.83 -14.04
C ILE C 112 -9.39 -41.08 -14.00
N LEU C 113 -9.30 -39.75 -14.11
CA LEU C 113 -10.45 -38.87 -14.03
C LEU C 113 -11.44 -39.08 -15.17
N ASN C 114 -10.93 -39.50 -16.33
CA ASN C 114 -11.74 -39.82 -17.49
C ASN C 114 -12.23 -41.27 -17.55
N ASP C 115 -11.95 -42.01 -16.48
CA ASP C 115 -12.38 -43.41 -16.34
C ASP C 115 -11.69 -44.35 -17.31
N GLU C 116 -10.65 -43.87 -18.02
CA GLU C 116 -9.86 -44.71 -18.93
C GLU C 116 -9.15 -45.79 -18.11
N ILE C 117 -8.79 -45.43 -16.88
CA ILE C 117 -8.21 -46.36 -15.92
C ILE C 117 -9.16 -46.49 -14.75
N TYR C 118 -9.58 -47.72 -14.45
CA TYR C 118 -10.48 -47.94 -13.34
C TYR C 118 -9.77 -47.75 -12.00
N CYS C 119 -10.37 -46.90 -11.18
CA CYS C 119 -9.93 -46.69 -9.82
C CYS C 119 -11.11 -46.89 -8.88
N PRO C 120 -10.93 -47.70 -7.81
CA PRO C 120 -12.01 -47.85 -6.83
C PRO C 120 -12.11 -46.60 -5.93
N PRO C 121 -13.29 -46.39 -5.31
CA PRO C 121 -13.59 -45.14 -4.59
C PRO C 121 -12.54 -44.66 -3.61
N GLU C 122 -12.17 -45.48 -2.62
CA GLU C 122 -11.27 -45.04 -1.56
C GLU C 122 -9.87 -44.71 -2.07
N THR C 123 -9.39 -45.51 -3.01
CA THR C 123 -8.11 -45.23 -3.66
C THR C 123 -8.15 -43.91 -4.42
N ALA C 124 -9.27 -43.66 -5.11
CA ALA C 124 -9.49 -42.39 -5.79
C ALA C 124 -9.41 -41.20 -4.84
N VAL C 125 -10.00 -41.31 -3.65
CA VAL C 125 -9.92 -40.23 -2.66
C VAL C 125 -8.47 -39.98 -2.24
N LEU C 126 -7.71 -41.07 -2.06
CA LEU C 126 -6.28 -40.96 -1.74
C LEU C 126 -5.50 -40.26 -2.86
N LEU C 127 -5.77 -40.64 -4.10
CA LEU C 127 -5.13 -40.03 -5.24
C LEU C 127 -5.51 -38.56 -5.32
N ALA C 128 -6.80 -38.27 -5.17
CA ALA C 128 -7.29 -36.89 -5.17
C ALA C 128 -6.61 -36.06 -4.09
N SER C 129 -6.37 -36.64 -2.92
CA SER C 129 -5.68 -35.93 -1.85
C SER C 129 -4.23 -35.63 -2.19
N TYR C 130 -3.57 -36.49 -2.96
CA TYR C 130 -2.21 -36.21 -3.39
C TYR C 130 -2.20 -35.21 -4.53
N ALA C 131 -3.23 -35.23 -5.36
CA ALA C 131 -3.41 -34.23 -6.40
C ALA C 131 -3.58 -32.84 -5.78
N VAL C 132 -4.42 -32.75 -4.75
CA VAL C 132 -4.68 -31.52 -4.02
C VAL C 132 -3.42 -30.96 -3.36
N GLN C 133 -2.72 -31.82 -2.61
CA GLN C 133 -1.46 -31.41 -1.98
C GLN C 133 -0.50 -30.79 -2.98
N ALA C 134 -0.36 -31.41 -4.15
CA ALA C 134 0.56 -30.91 -5.17
C ALA C 134 0.09 -29.56 -5.70
N LYS C 135 -1.23 -29.38 -5.79
CA LYS C 135 -1.79 -28.15 -6.35
C LYS C 135 -1.94 -27.01 -5.34
N TYR C 136 -2.28 -27.35 -4.09
CA TYR C 136 -2.58 -26.34 -3.09
C TYR C 136 -1.48 -26.15 -2.06
N GLY C 137 -0.60 -27.14 -1.96
CA GLY C 137 0.42 -27.12 -0.92
C GLY C 137 -0.19 -27.47 0.42
N ASP C 138 0.51 -27.11 1.49
CA ASP C 138 0.06 -27.44 2.85
C ASP C 138 -1.36 -27.00 3.14
N TYR C 139 -2.10 -27.87 3.80
CA TYR C 139 -3.41 -27.50 4.28
C TYR C 139 -3.30 -26.32 5.24
N ASN C 140 -4.06 -25.27 4.94
CA ASN C 140 -4.14 -24.06 5.76
C ASN C 140 -5.60 -23.78 6.06
N LYS C 141 -5.96 -23.78 7.35
CA LYS C 141 -7.37 -23.65 7.72
C LYS C 141 -7.95 -22.29 7.31
N GLU C 142 -7.12 -21.26 7.38
CA GLU C 142 -7.56 -19.90 7.07
C GLU C 142 -7.85 -19.73 5.58
N ILE C 143 -6.97 -20.28 4.75
CA ILE C 143 -7.08 -20.18 3.29
C ILE C 143 -8.04 -21.21 2.72
N HIS C 144 -7.88 -22.47 3.13
CA HIS C 144 -8.69 -23.55 2.61
C HIS C 144 -9.99 -23.74 3.39
N LYS C 145 -10.83 -22.72 3.40
CA LYS C 145 -12.16 -22.77 4.01
C LYS C 145 -13.02 -23.88 3.36
N PRO C 146 -13.99 -24.45 4.11
CA PRO C 146 -14.85 -25.48 3.51
C PRO C 146 -15.48 -25.02 2.20
N GLY C 147 -15.37 -25.86 1.17
CA GLY C 147 -15.85 -25.52 -0.16
C GLY C 147 -14.75 -25.07 -1.09
N TYR C 148 -13.50 -25.12 -0.60
CA TYR C 148 -12.36 -24.70 -1.39
C TYR C 148 -12.03 -25.63 -2.56
N LEU C 149 -12.59 -26.83 -2.56
CA LEU C 149 -12.36 -27.79 -3.64
C LEU C 149 -13.54 -27.87 -4.62
N ALA C 150 -14.50 -26.97 -4.48
CA ALA C 150 -15.74 -27.02 -5.26
C ALA C 150 -15.56 -26.71 -6.75
N ASN C 151 -14.36 -26.30 -7.14
CA ASN C 151 -14.07 -26.01 -8.54
C ASN C 151 -13.08 -26.99 -9.19
N ASP C 152 -12.54 -27.90 -8.39
CA ASP C 152 -11.57 -28.86 -8.91
C ASP C 152 -12.26 -30.09 -9.50
N ARG C 153 -11.66 -30.65 -10.54
CA ARG C 153 -12.08 -31.94 -11.06
C ARG C 153 -11.25 -32.98 -10.32
N LEU C 154 -11.86 -33.58 -9.31
CA LEU C 154 -11.16 -34.37 -8.29
C LEU C 154 -11.31 -35.88 -8.40
N LEU C 155 -12.50 -36.35 -8.78
CA LEU C 155 -12.78 -37.79 -8.75
C LEU C 155 -13.28 -38.34 -10.09
N PRO C 156 -13.06 -39.66 -10.33
CA PRO C 156 -13.65 -40.29 -11.51
C PRO C 156 -15.17 -40.23 -11.47
N GLN C 157 -15.78 -40.05 -12.64
CA GLN C 157 -17.22 -39.95 -12.76
C GLN C 157 -17.91 -41.20 -12.22
N ARG C 158 -17.32 -42.36 -12.51
CA ARG C 158 -17.78 -43.63 -11.96
C ARG C 158 -17.94 -43.56 -10.45
N VAL C 159 -16.95 -43.02 -9.75
CA VAL C 159 -16.99 -42.91 -8.29
C VAL C 159 -18.18 -42.06 -7.86
N LEU C 160 -18.44 -40.98 -8.59
CA LEU C 160 -19.55 -40.08 -8.28
C LEU C 160 -20.90 -40.68 -8.68
N GLU C 161 -20.92 -41.40 -9.80
CA GLU C 161 -22.11 -42.13 -10.25
C GLU C 161 -22.12 -43.54 -9.64
N GLN C 162 -22.12 -43.60 -8.31
CA GLN C 162 -21.97 -44.87 -7.61
C GLN C 162 -22.52 -44.73 -6.20
N HIS C 163 -21.72 -44.18 -5.30
CA HIS C 163 -22.11 -43.96 -3.91
C HIS C 163 -23.18 -42.88 -3.78
N LYS C 164 -23.60 -42.62 -2.53
CA LYS C 164 -24.69 -41.70 -2.27
C LYS C 164 -24.21 -40.41 -1.63
N LEU C 165 -22.89 -40.19 -1.63
CA LEU C 165 -22.32 -38.97 -1.03
C LEU C 165 -22.54 -37.76 -1.92
N THR C 166 -22.81 -36.62 -1.28
CA THR C 166 -22.98 -35.35 -1.98
C THR C 166 -21.62 -34.83 -2.41
N LYS C 167 -21.61 -33.93 -3.40
CA LYS C 167 -20.38 -33.28 -3.84
C LYS C 167 -19.69 -32.56 -2.69
N GLU C 168 -20.49 -32.04 -1.76
CA GLU C 168 -20.00 -31.38 -0.56
C GLU C 168 -19.41 -32.36 0.45
N GLN C 169 -19.82 -33.63 0.35
CA GLN C 169 -19.32 -34.67 1.24
C GLN C 169 -18.04 -35.31 0.74
N TRP C 170 -17.87 -35.35 -0.58
CA TRP C 170 -16.66 -35.90 -1.17
C TRP C 170 -15.46 -34.99 -0.89
N GLU C 171 -15.65 -33.69 -1.09
CA GLU C 171 -14.63 -32.69 -0.80
C GLU C 171 -14.19 -32.78 0.65
N GLU C 172 -15.13 -33.14 1.52
CA GLU C 172 -14.89 -33.35 2.94
C GLU C 172 -13.90 -34.50 3.16
N ARG C 173 -14.15 -35.61 2.48
CA ARG C 173 -13.30 -36.79 2.57
C ARG C 173 -11.89 -36.53 2.04
N ILE C 174 -11.81 -35.80 0.93
CA ILE C 174 -10.56 -35.43 0.29
C ILE C 174 -9.76 -34.48 1.17
N GLN C 175 -10.46 -33.52 1.77
CA GLN C 175 -9.86 -32.54 2.68
C GLN C 175 -9.25 -33.18 3.92
N ASN C 176 -9.89 -34.23 4.42
CA ASN C 176 -9.41 -34.91 5.60
C ASN C 176 -8.04 -35.54 5.37
N TRP C 177 -7.88 -36.18 4.21
CA TRP C 177 -6.60 -36.72 3.77
C TRP C 177 -5.56 -35.62 3.57
N HIS C 178 -5.99 -34.51 2.96
CA HIS C 178 -5.13 -33.37 2.65
C HIS C 178 -4.42 -32.86 3.89
N GLU C 179 -5.15 -32.82 5.00
CA GLU C 179 -4.61 -32.37 6.28
C GLU C 179 -3.46 -33.24 6.73
N GLU C 180 -3.52 -34.51 6.35
CA GLU C 180 -2.52 -35.50 6.77
C GLU C 180 -1.28 -35.52 5.90
N HIS C 181 -1.27 -34.76 4.83
CA HIS C 181 -0.11 -34.71 3.94
C HIS C 181 0.73 -33.46 4.16
N ARG C 182 0.68 -32.92 5.39
CA ARG C 182 1.17 -31.58 5.68
C ARG C 182 2.53 -31.23 5.07
N GLY C 183 3.61 -31.90 5.50
CA GLY C 183 4.95 -31.49 5.06
C GLY C 183 5.45 -31.83 3.66
N MET C 184 4.57 -32.34 2.80
CA MET C 184 4.97 -33.03 1.57
C MET C 184 5.12 -32.12 0.37
N LEU C 185 6.33 -32.06 -0.21
CA LEU C 185 6.59 -31.25 -1.40
C LEU C 185 5.86 -31.73 -2.64
N ARG C 186 5.69 -30.83 -3.61
CA ARG C 186 5.03 -31.13 -4.89
C ARG C 186 5.48 -32.42 -5.54
N GLU C 187 6.80 -32.51 -5.78
CA GLU C 187 7.42 -33.64 -6.46
C GLU C 187 7.22 -34.95 -5.69
N ASP C 188 7.26 -34.85 -4.36
CA ASP C 188 6.96 -35.98 -3.47
C ASP C 188 5.54 -36.47 -3.66
N SER C 189 4.59 -35.53 -3.73
CA SER C 189 3.16 -35.83 -3.85
C SER C 189 2.82 -36.46 -5.18
N MET C 190 3.44 -35.96 -6.24
CA MET C 190 3.24 -36.51 -7.58
C MET C 190 3.77 -37.94 -7.67
N MET C 191 4.95 -38.19 -7.09
CA MET C 191 5.50 -39.54 -7.02
C MET C 191 4.63 -40.51 -6.24
N GLU C 192 4.12 -40.08 -5.09
CA GLU C 192 3.23 -40.92 -4.28
C GLU C 192 1.98 -41.30 -5.07
N TYR C 193 1.44 -40.33 -5.78
CA TYR C 193 0.32 -40.55 -6.68
C TYR C 193 0.64 -41.68 -7.64
N LEU C 194 1.76 -41.56 -8.34
CA LEU C 194 2.19 -42.54 -9.33
C LEU C 194 2.51 -43.90 -8.72
N LYS C 195 3.12 -43.93 -7.55
CA LYS C 195 3.36 -45.20 -6.83
C LYS C 195 2.06 -45.94 -6.54
N ILE C 196 1.00 -45.20 -6.23
CA ILE C 196 -0.30 -45.80 -6.01
C ILE C 196 -0.97 -46.14 -7.34
N ALA C 197 -0.81 -45.25 -8.31
CA ALA C 197 -1.46 -45.41 -9.61
C ALA C 197 -0.94 -46.64 -10.34
N GLN C 198 0.37 -46.84 -10.27
CA GLN C 198 1.02 -47.92 -11.03
C GLN C 198 0.63 -49.34 -10.62
N ASP C 199 -0.03 -49.47 -9.48
CA ASP C 199 -0.43 -50.77 -8.97
C ASP C 199 -1.86 -51.13 -9.35
N LEU C 200 -2.56 -50.18 -9.96
CA LEU C 200 -3.89 -50.45 -10.47
C LEU C 200 -3.81 -51.35 -11.69
N GLU C 201 -4.74 -52.29 -11.77
CA GLU C 201 -4.70 -53.32 -12.81
C GLU C 201 -4.67 -52.75 -14.23
N MET C 202 -5.48 -51.72 -14.49
CA MET C 202 -5.59 -51.13 -15.83
C MET C 202 -4.47 -50.15 -16.23
N TYR C 203 -3.65 -49.75 -15.26
CA TYR C 203 -2.58 -48.78 -15.49
C TYR C 203 -1.54 -49.32 -16.47
N GLY C 204 -1.20 -48.51 -17.46
CA GLY C 204 -0.15 -48.84 -18.40
C GLY C 204 -0.42 -50.03 -19.31
N VAL C 205 -1.69 -50.29 -19.61
CA VAL C 205 -2.06 -51.37 -20.53
C VAL C 205 -3.03 -50.91 -21.63
N ASN C 206 -2.62 -51.12 -22.87
CA ASN C 206 -3.45 -50.83 -24.03
C ASN C 206 -4.37 -52.00 -24.31
N TYR C 207 -5.67 -51.76 -24.29
CA TYR C 207 -6.64 -52.81 -24.59
C TYR C 207 -7.02 -52.84 -26.06
N PHE C 208 -7.09 -54.06 -26.58
CA PHE C 208 -7.43 -54.30 -27.98
C PHE C 208 -8.40 -55.47 -28.10
N GLU C 209 -9.43 -55.28 -28.91
CA GLU C 209 -10.43 -56.32 -29.15
C GLU C 209 -9.88 -57.41 -30.07
N ILE C 210 -9.75 -58.61 -29.53
CA ILE C 210 -9.28 -59.76 -30.29
C ILE C 210 -10.29 -60.91 -30.27
N LYS C 211 -10.13 -61.86 -31.18
CA LYS C 211 -11.05 -62.98 -31.30
C LYS C 211 -10.36 -64.33 -31.14
N ASN C 212 -11.15 -65.29 -30.70
CA ASN C 212 -10.80 -66.70 -30.69
C ASN C 212 -11.02 -67.29 -32.09
N LYS C 213 -10.66 -68.55 -32.29
CA LYS C 213 -10.98 -69.25 -33.55
C LYS C 213 -12.47 -69.56 -33.64
N LYS C 214 -13.11 -69.69 -32.49
CA LYS C 214 -14.56 -69.88 -32.39
C LYS C 214 -15.31 -68.57 -32.66
N GLY C 215 -14.61 -67.45 -32.47
CA GLY C 215 -15.20 -66.12 -32.72
C GLY C 215 -15.63 -65.39 -31.46
N THR C 216 -15.09 -65.85 -30.32
CA THR C 216 -15.39 -65.23 -29.02
C THR C 216 -14.60 -63.92 -28.86
N GLU C 217 -15.30 -62.87 -28.43
CA GLU C 217 -14.69 -61.57 -28.18
C GLU C 217 -13.85 -61.58 -26.90
N LEU C 218 -12.58 -61.19 -27.02
CA LEU C 218 -11.67 -61.12 -25.89
C LEU C 218 -10.79 -59.87 -25.95
N TRP C 219 -10.20 -59.49 -24.82
CA TRP C 219 -9.30 -58.34 -24.79
C TRP C 219 -7.84 -58.76 -24.82
N LEU C 220 -7.06 -58.09 -25.67
CA LEU C 220 -5.61 -58.21 -25.63
C LEU C 220 -5.05 -56.98 -24.95
N GLY C 221 -4.25 -57.21 -23.93
CA GLY C 221 -3.52 -56.14 -23.26
C GLY C 221 -2.05 -56.18 -23.63
N VAL C 222 -1.49 -55.01 -23.92
CA VAL C 222 -0.04 -54.86 -24.05
C VAL C 222 0.40 -53.93 -22.94
N ASP C 223 1.32 -54.42 -22.10
CA ASP C 223 1.88 -53.64 -21.01
C ASP C 223 3.41 -53.78 -20.97
N ALA C 224 4.03 -53.08 -20.02
CA ALA C 224 5.50 -53.08 -19.88
C ALA C 224 6.08 -54.45 -19.61
N LEU C 225 5.33 -55.30 -18.91
CA LEU C 225 5.80 -56.64 -18.53
C LEU C 225 5.50 -57.74 -19.54
N GLY C 226 4.50 -57.52 -20.41
CA GLY C 226 4.15 -58.51 -21.43
C GLY C 226 2.79 -58.34 -22.09
N LEU C 227 2.25 -59.46 -22.56
CA LEU C 227 0.89 -59.50 -23.14
C LEU C 227 -0.02 -60.34 -22.27
N ASN C 228 -1.28 -59.94 -22.18
CA ASN C 228 -2.27 -60.69 -21.43
C ASN C 228 -3.58 -60.82 -22.21
N ILE C 229 -4.35 -61.87 -21.88
CA ILE C 229 -5.68 -62.05 -22.47
C ILE C 229 -6.77 -61.98 -21.39
N TYR C 230 -7.78 -61.16 -21.66
CA TYR C 230 -8.91 -60.96 -20.74
C TYR C 230 -10.18 -61.43 -21.42
N GLU C 231 -11.24 -61.62 -20.64
CA GLU C 231 -12.57 -61.88 -21.18
C GLU C 231 -13.32 -60.57 -21.35
N HIS C 232 -13.98 -60.41 -22.50
CA HIS C 232 -14.73 -59.18 -22.81
C HIS C 232 -15.84 -58.98 -21.79
N ASP C 233 -15.44 -58.63 -20.57
CA ASP C 233 -16.36 -58.59 -19.43
C ASP C 233 -15.61 -58.25 -18.17
N ASP C 234 -14.30 -58.44 -18.21
CA ASP C 234 -13.45 -58.17 -17.06
C ASP C 234 -12.06 -57.73 -17.54
N LYS C 235 -11.89 -56.42 -17.68
CA LYS C 235 -10.59 -55.83 -18.06
C LYS C 235 -9.59 -55.85 -16.91
N LEU C 236 -10.06 -56.08 -15.69
CA LEU C 236 -9.24 -56.01 -14.48
C LEU C 236 -8.36 -57.23 -14.19
N THR C 237 -8.80 -58.43 -14.57
CA THR C 237 -8.04 -59.65 -14.23
C THR C 237 -7.63 -60.49 -15.44
N PRO C 238 -6.32 -60.61 -15.67
CA PRO C 238 -5.74 -61.41 -16.76
C PRO C 238 -6.06 -62.90 -16.65
N LYS C 239 -6.24 -63.54 -17.79
CA LYS C 239 -6.50 -64.98 -17.83
C LYS C 239 -5.29 -65.78 -18.30
N ILE C 240 -4.58 -65.25 -19.29
CA ILE C 240 -3.39 -65.89 -19.82
C ILE C 240 -2.26 -64.87 -19.92
N GLY C 241 -1.16 -65.13 -19.21
CA GLY C 241 0.00 -64.25 -19.27
C GLY C 241 0.97 -64.61 -20.37
N PHE C 242 1.76 -63.62 -20.79
CA PHE C 242 2.84 -63.80 -21.76
C PHE C 242 3.95 -62.80 -21.46
N PRO C 243 4.85 -63.13 -20.51
CA PRO C 243 5.99 -62.25 -20.23
C PRO C 243 6.93 -62.10 -21.41
N TRP C 244 7.60 -60.95 -21.50
CA TRP C 244 8.48 -60.66 -22.62
C TRP C 244 9.68 -61.61 -22.71
N SER C 245 10.05 -62.21 -21.58
CA SER C 245 11.15 -63.18 -21.51
C SER C 245 10.85 -64.48 -22.26
N GLU C 246 9.56 -64.83 -22.36
CA GLU C 246 9.12 -66.05 -23.03
C GLU C 246 8.86 -65.87 -24.53
N ILE C 247 8.82 -64.61 -24.98
CA ILE C 247 8.42 -64.29 -26.34
C ILE C 247 9.60 -64.05 -27.27
N ARG C 248 9.57 -64.69 -28.44
CA ARG C 248 10.65 -64.67 -29.43
C ARG C 248 10.37 -63.66 -30.53
N ASN C 249 9.13 -63.64 -31.00
CA ASN C 249 8.75 -62.86 -32.17
C ASN C 249 7.25 -62.57 -32.16
N ILE C 250 6.87 -61.42 -32.69
CA ILE C 250 5.47 -61.11 -32.95
C ILE C 250 5.34 -60.49 -34.34
N SER C 251 4.34 -60.94 -35.09
CA SER C 251 4.04 -60.43 -36.43
C SER C 251 2.57 -60.67 -36.73
N PHE C 252 2.04 -60.02 -37.77
CA PHE C 252 0.65 -60.27 -38.14
C PHE C 252 0.40 -60.49 -39.63
N ASN C 253 -0.23 -61.62 -39.95
CA ASN C 253 -0.60 -62.00 -41.32
C ASN C 253 -1.40 -60.88 -41.97
N ASP C 254 -2.60 -60.65 -41.45
CA ASP C 254 -3.52 -59.64 -41.93
C ASP C 254 -4.42 -59.30 -40.76
N LYS C 255 -5.26 -60.26 -40.39
CA LYS C 255 -6.05 -60.19 -39.17
C LYS C 255 -5.49 -61.16 -38.14
N LYS C 256 -4.56 -62.01 -38.58
CA LYS C 256 -4.00 -63.07 -37.76
C LYS C 256 -2.69 -62.65 -37.11
N PHE C 257 -2.61 -62.76 -35.79
CA PHE C 257 -1.38 -62.47 -35.05
C PHE C 257 -0.74 -63.77 -34.58
N VAL C 258 0.58 -63.88 -34.71
CA VAL C 258 1.29 -65.06 -34.20
C VAL C 258 2.37 -64.71 -33.19
N ILE C 259 2.27 -65.28 -31.99
CA ILE C 259 3.28 -65.09 -30.96
C ILE C 259 4.19 -66.32 -30.91
N LYS C 260 5.38 -66.19 -31.49
CA LYS C 260 6.35 -67.29 -31.49
C LYS C 260 7.12 -67.31 -30.17
N PRO C 261 7.16 -68.49 -29.50
CA PRO C 261 7.86 -68.63 -28.22
C PRO C 261 9.36 -68.94 -28.37
N ILE C 262 10.13 -68.61 -27.34
CA ILE C 262 11.57 -68.88 -27.32
C ILE C 262 11.86 -70.38 -27.15
N ASP C 263 10.90 -71.11 -26.59
CA ASP C 263 10.99 -72.57 -26.41
C ASP C 263 11.22 -73.34 -27.72
N LYS C 264 10.72 -72.80 -28.84
CA LYS C 264 10.80 -73.42 -30.18
C LYS C 264 10.10 -74.78 -30.28
N LYS C 265 10.25 -75.60 -29.23
CA LYS C 265 9.55 -76.88 -29.11
C LYS C 265 8.14 -76.73 -28.51
N ALA C 266 7.82 -75.51 -28.06
CA ALA C 266 6.46 -75.17 -27.65
C ALA C 266 5.74 -74.59 -28.88
N PRO C 267 4.40 -74.76 -28.95
CA PRO C 267 3.73 -74.33 -30.18
C PRO C 267 3.45 -72.83 -30.21
N ASP C 268 3.30 -72.27 -31.40
CA ASP C 268 2.98 -70.85 -31.58
C ASP C 268 1.60 -70.50 -31.02
N PHE C 269 1.38 -69.22 -30.74
CA PHE C 269 0.09 -68.75 -30.27
C PHE C 269 -0.56 -67.86 -31.33
N VAL C 270 -1.82 -68.13 -31.61
CA VAL C 270 -2.55 -67.43 -32.67
C VAL C 270 -3.80 -66.78 -32.10
N PHE C 271 -4.01 -65.50 -32.43
CA PHE C 271 -5.26 -64.80 -32.14
C PHE C 271 -5.62 -63.89 -33.31
N TYR C 272 -6.88 -63.46 -33.35
CA TYR C 272 -7.37 -62.68 -34.48
C TYR C 272 -7.82 -61.28 -34.07
N ALA C 273 -7.44 -60.28 -34.88
CA ALA C 273 -7.77 -58.88 -34.62
C ALA C 273 -8.22 -58.16 -35.89
N PRO C 274 -9.43 -57.57 -35.89
CA PRO C 274 -10.16 -57.16 -37.10
C PRO C 274 -9.54 -56.09 -38.02
N ARG C 275 -9.09 -54.97 -37.45
CA ARG C 275 -8.77 -53.78 -38.26
C ARG C 275 -7.28 -53.59 -38.54
N LEU C 276 -6.97 -53.10 -39.75
CA LEU C 276 -5.58 -52.87 -40.18
C LEU C 276 -4.85 -51.78 -39.37
N ARG C 277 -5.46 -50.60 -39.24
CA ARG C 277 -4.88 -49.47 -38.49
C ARG C 277 -4.51 -49.82 -37.05
N ILE C 278 -5.44 -50.49 -36.35
CA ILE C 278 -5.23 -50.94 -34.98
C ILE C 278 -4.10 -51.96 -34.90
N ASN C 279 -4.01 -52.83 -35.90
CA ASN C 279 -3.04 -53.91 -35.87
C ASN C 279 -1.59 -53.43 -35.96
N LYS C 280 -1.36 -52.42 -36.81
CA LYS C 280 -0.04 -51.78 -36.88
C LYS C 280 0.32 -51.16 -35.53
N ARG C 281 -0.70 -50.56 -34.90
CA ARG C 281 -0.62 -50.01 -33.54
C ARG C 281 -0.17 -51.06 -32.51
N ILE C 282 -0.78 -52.24 -32.56
CA ILE C 282 -0.42 -53.34 -31.66
C ILE C 282 1.03 -53.76 -31.87
N LEU C 283 1.41 -53.96 -33.12
CA LEU C 283 2.78 -54.35 -33.45
C LEU C 283 3.79 -53.35 -32.89
N ALA C 284 3.46 -52.06 -33.00
CA ALA C 284 4.32 -50.98 -32.54
C ALA C 284 4.50 -51.01 -31.02
N LEU C 285 3.43 -51.26 -30.28
CA LEU C 285 3.50 -51.28 -28.82
C LEU C 285 4.26 -52.50 -28.30
N CYS C 286 4.02 -53.64 -28.95
CA CYS C 286 4.70 -54.88 -28.61
C CYS C 286 6.21 -54.74 -28.69
N MET C 287 6.69 -54.25 -29.83
CA MET C 287 8.11 -54.01 -30.05
C MET C 287 8.69 -53.06 -29.00
N GLY C 288 8.05 -51.91 -28.82
CA GLY C 288 8.51 -50.88 -27.90
C GLY C 288 8.59 -51.34 -26.46
N ASN C 289 7.49 -51.94 -25.97
CA ASN C 289 7.46 -52.54 -24.64
C ASN C 289 8.51 -53.62 -24.44
N HIS C 290 8.67 -54.48 -25.46
CA HIS C 290 9.69 -55.52 -25.47
C HIS C 290 11.08 -54.92 -25.42
N GLU C 291 11.35 -53.98 -26.32
CA GLU C 291 12.65 -53.33 -26.44
C GLU C 291 13.11 -52.73 -25.11
N LEU C 292 12.22 -51.96 -24.48
CA LEU C 292 12.52 -51.30 -23.21
C LEU C 292 12.62 -52.29 -22.06
N TYR C 293 11.86 -53.38 -22.14
CA TYR C 293 11.95 -54.47 -21.17
C TYR C 293 13.37 -55.04 -21.15
N MET C 294 13.90 -55.30 -22.34
CA MET C 294 15.25 -55.80 -22.53
C MET C 294 16.31 -54.83 -22.02
N ARG C 295 16.26 -53.60 -22.50
CA ARG C 295 17.26 -52.58 -22.16
C ARG C 295 17.37 -52.34 -20.66
N ARG C 296 16.29 -52.62 -19.94
CA ARG C 296 16.26 -52.49 -18.48
C ARG C 296 17.09 -53.56 -17.78
N ARG C 297 17.18 -54.74 -18.39
CA ARG C 297 17.92 -55.87 -17.82
C ARG C 297 19.19 -56.17 -18.62
N LYS C 298 19.39 -55.44 -19.71
CA LYS C 298 20.56 -55.60 -20.58
C LYS C 298 21.69 -54.67 -20.11
N LYS D 5 -19.29 24.35 -7.50
CA LYS D 5 -18.20 23.57 -6.84
C LYS D 5 -17.57 24.36 -5.69
N PRO D 6 -17.46 23.74 -4.49
CA PRO D 6 -16.94 24.39 -3.28
C PRO D 6 -15.47 24.77 -3.37
N ILE D 7 -15.11 25.85 -2.70
CA ILE D 7 -13.78 26.45 -2.82
C ILE D 7 -13.01 26.22 -1.52
N ASN D 8 -11.87 25.56 -1.64
CA ASN D 8 -11.00 25.30 -0.49
C ASN D 8 -10.33 26.55 0.03
N VAL D 9 -10.38 26.73 1.35
CA VAL D 9 -9.63 27.80 2.01
C VAL D 9 -8.86 27.25 3.20
N ARG D 10 -7.71 27.86 3.46
CA ARG D 10 -6.90 27.55 4.63
C ARG D 10 -6.70 28.83 5.42
N VAL D 11 -7.13 28.81 6.67
CA VAL D 11 -6.99 29.95 7.56
C VAL D 11 -5.93 29.63 8.61
N THR D 12 -4.98 30.54 8.77
CA THR D 12 -3.94 30.41 9.79
C THR D 12 -4.18 31.40 10.94
N THR D 13 -4.28 30.88 12.16
CA THR D 13 -4.16 31.73 13.34
C THR D 13 -2.69 31.68 13.76
N MET D 14 -2.34 32.36 14.85
CA MET D 14 -0.95 32.39 15.31
C MET D 14 -0.36 31.02 15.68
N ASP D 15 -1.20 30.04 15.99
CA ASP D 15 -0.71 28.69 16.32
C ASP D 15 -1.60 27.55 15.84
N ALA D 16 -2.40 27.81 14.81
CA ALA D 16 -3.26 26.77 14.25
C ALA D 16 -3.45 26.97 12.76
N GLU D 17 -3.68 25.87 12.07
CA GLU D 17 -3.96 25.89 10.65
C GLU D 17 -5.30 25.21 10.41
N LEU D 18 -6.27 25.99 9.95
CA LEU D 18 -7.64 25.50 9.77
C LEU D 18 -8.02 25.40 8.30
N GLU D 19 -8.54 24.24 7.91
CA GLU D 19 -8.99 24.01 6.53
C GLU D 19 -10.52 24.10 6.45
N PHE D 20 -11.04 24.87 5.50
CA PHE D 20 -12.50 24.99 5.29
C PHE D 20 -12.87 24.93 3.82
N ALA D 21 -14.18 25.02 3.55
CA ALA D 21 -14.71 25.16 2.21
C ALA D 21 -15.75 26.27 2.19
N ILE D 22 -15.69 27.11 1.17
CA ILE D 22 -16.69 28.15 0.98
C ILE D 22 -17.37 28.02 -0.37
N GLN D 23 -18.52 28.68 -0.53
CA GLN D 23 -19.21 28.76 -1.80
C GLN D 23 -18.91 30.09 -2.51
N PRO D 24 -19.22 30.17 -3.83
CA PRO D 24 -19.08 31.44 -4.56
C PRO D 24 -19.71 32.62 -3.85
N ASN D 25 -20.81 32.35 -3.14
CA ASN D 25 -21.62 33.40 -2.52
C ASN D 25 -21.47 33.46 -1.00
N THR D 26 -20.48 32.74 -0.46
CA THR D 26 -20.14 32.86 0.95
C THR D 26 -19.58 34.26 1.16
N THR D 27 -20.01 34.91 2.23
CA THR D 27 -19.52 36.24 2.54
C THR D 27 -18.29 36.14 3.41
N GLY D 28 -17.49 37.20 3.44
CA GLY D 28 -16.39 37.30 4.39
C GLY D 28 -16.85 37.12 5.84
N LYS D 29 -18.00 37.69 6.17
CA LYS D 29 -18.57 37.65 7.52
C LYS D 29 -18.78 36.20 7.97
N GLN D 30 -19.38 35.42 7.07
CA GLN D 30 -19.62 34.01 7.33
C GLN D 30 -18.31 33.24 7.54
N LEU D 31 -17.31 33.51 6.70
CA LEU D 31 -15.99 32.93 6.88
C LEU D 31 -15.39 33.37 8.20
N PHE D 32 -15.51 34.66 8.52
CA PHE D 32 -15.02 35.19 9.80
C PHE D 32 -15.72 34.53 10.98
N ASP D 33 -17.04 34.35 10.85
CA ASP D 33 -17.84 33.76 11.91
C ASP D 33 -17.46 32.30 12.19
N GLN D 34 -17.24 31.53 11.13
CA GLN D 34 -16.76 30.15 11.26
C GLN D 34 -15.46 30.04 12.07
N VAL D 35 -14.52 30.95 11.79
CA VAL D 35 -13.21 30.94 12.43
C VAL D 35 -13.32 31.19 13.94
N VAL D 36 -14.12 32.18 14.33
CA VAL D 36 -14.31 32.46 15.75
C VAL D 36 -15.05 31.33 16.45
N LYS D 37 -15.92 30.64 15.71
CA LYS D 37 -16.61 29.48 16.23
C LYS D 37 -15.61 28.36 16.48
N THR D 38 -14.76 28.08 15.49
CA THR D 38 -13.73 27.03 15.61
C THR D 38 -12.74 27.27 16.75
N VAL D 39 -12.26 28.50 16.92
CA VAL D 39 -11.32 28.81 18.00
C VAL D 39 -12.01 29.22 19.31
N GLY D 40 -13.33 29.37 19.25
CA GLY D 40 -14.12 29.64 20.46
C GLY D 40 -13.84 30.99 21.07
N LEU D 41 -13.92 32.02 20.24
CA LEU D 41 -13.51 33.37 20.61
C LEU D 41 -14.73 34.28 20.74
N ARG D 42 -14.87 34.93 21.90
CA ARG D 42 -15.97 35.89 22.11
C ARG D 42 -15.56 37.34 21.78
N GLU D 43 -14.30 37.68 22.03
CA GLU D 43 -13.79 39.04 21.82
C GLU D 43 -13.43 39.35 20.35
N VAL D 44 -14.46 39.22 19.50
CA VAL D 44 -14.31 39.24 18.03
C VAL D 44 -13.97 40.60 17.38
N TRP D 45 -14.28 41.69 18.07
CA TRP D 45 -14.09 43.03 17.52
C TRP D 45 -12.63 43.41 17.20
N PHE D 46 -11.67 42.76 17.86
CA PHE D 46 -10.24 43.03 17.61
C PHE D 46 -9.72 42.41 16.31
N PHE D 47 -10.37 41.36 15.84
CA PHE D 47 -9.77 40.55 14.78
C PHE D 47 -10.27 40.79 13.36
N GLY D 48 -9.52 40.27 12.40
CA GLY D 48 -9.92 40.27 11.01
C GLY D 48 -9.16 39.23 10.24
N LEU D 49 -9.50 39.07 8.96
CA LEU D 49 -8.82 38.14 8.08
C LEU D 49 -7.92 38.86 7.07
N GLN D 50 -6.75 38.28 6.81
CA GLN D 50 -5.84 38.80 5.79
C GLN D 50 -5.70 37.88 4.59
N TYR D 51 -5.66 38.47 3.40
CA TYR D 51 -5.34 37.73 2.19
C TYR D 51 -4.31 38.49 1.40
N VAL D 52 -3.69 37.80 0.45
CA VAL D 52 -2.82 38.43 -0.54
C VAL D 52 -3.64 38.57 -1.84
N ASP D 53 -3.62 39.77 -2.43
CA ASP D 53 -4.38 40.01 -3.65
C ASP D 53 -3.56 39.65 -4.89
N SER D 54 -4.21 39.71 -6.07
CA SER D 54 -3.56 39.28 -7.31
C SER D 54 -2.28 40.05 -7.64
N LYS D 55 -2.25 41.33 -7.29
CA LYS D 55 -1.05 42.14 -7.44
C LYS D 55 0.05 41.66 -6.49
N GLY D 56 -0.34 41.29 -5.27
CA GLY D 56 0.62 40.80 -4.29
C GLY D 56 0.59 41.52 -2.95
N TYR D 57 -0.26 42.55 -2.84
CA TYR D 57 -0.42 43.30 -1.60
C TYR D 57 -1.35 42.57 -0.64
N SER D 58 -0.95 42.45 0.63
CA SER D 58 -1.82 41.87 1.65
C SER D 58 -2.88 42.87 2.09
N THR D 59 -4.12 42.39 2.21
CA THR D 59 -5.28 43.23 2.44
C THR D 59 -6.19 42.61 3.48
N TRP D 60 -6.85 43.44 4.29
CA TRP D 60 -7.92 42.97 5.17
C TRP D 60 -9.17 42.61 4.35
N LEU D 61 -9.67 41.39 4.56
CA LEU D 61 -10.91 40.96 3.93
C LEU D 61 -12.07 41.87 4.36
N LYS D 62 -12.94 42.18 3.40
CA LYS D 62 -14.17 42.89 3.69
C LYS D 62 -15.20 41.88 4.18
N LEU D 63 -16.00 42.26 5.16
CA LEU D 63 -16.93 41.31 5.77
C LEU D 63 -18.33 41.38 5.14
N ASN D 64 -18.71 42.56 4.66
CA ASN D 64 -20.02 42.77 4.05
C ASN D 64 -20.00 42.49 2.54
N LYS D 65 -19.22 41.49 2.13
CA LYS D 65 -18.94 41.23 0.72
C LYS D 65 -18.55 39.77 0.51
N LYS D 66 -18.91 39.22 -0.64
CA LYS D 66 -18.53 37.84 -1.00
C LYS D 66 -17.01 37.73 -1.10
N VAL D 67 -16.49 36.56 -0.70
CA VAL D 67 -15.04 36.33 -0.73
C VAL D 67 -14.54 36.35 -2.18
N THR D 68 -15.32 35.73 -3.06
CA THR D 68 -14.97 35.57 -4.48
C THR D 68 -15.25 36.80 -5.33
N GLN D 69 -15.53 37.93 -4.67
CA GLN D 69 -15.65 39.20 -5.37
C GLN D 69 -14.59 40.20 -4.87
N GLN D 70 -13.56 39.69 -4.20
CA GLN D 70 -12.57 40.55 -3.56
C GLN D 70 -11.14 40.38 -4.06
N ASP D 71 -10.98 39.77 -5.24
CA ASP D 71 -9.66 39.61 -5.87
C ASP D 71 -8.61 38.97 -4.94
N VAL D 72 -8.99 37.87 -4.31
CA VAL D 72 -8.07 37.07 -3.51
C VAL D 72 -7.20 36.26 -4.49
N LYS D 73 -5.89 36.25 -4.28
CA LYS D 73 -4.97 35.50 -5.13
C LYS D 73 -5.55 34.11 -5.41
N LYS D 74 -5.91 33.87 -6.67
CA LYS D 74 -6.52 32.61 -7.09
C LYS D 74 -5.50 31.47 -6.97
N GLU D 75 -5.78 30.57 -6.03
CA GLU D 75 -4.92 29.41 -5.75
C GLU D 75 -5.71 28.36 -4.96
N ASN D 76 -5.10 27.20 -4.76
CA ASN D 76 -5.77 26.09 -4.08
C ASN D 76 -4.95 25.51 -2.92
N PRO D 77 -5.35 25.79 -1.67
CA PRO D 77 -6.53 26.55 -1.26
C PRO D 77 -6.27 28.06 -1.26
N LEU D 78 -7.28 28.84 -0.90
CA LEU D 78 -7.07 30.26 -0.68
C LEU D 78 -6.39 30.47 0.67
N GLN D 79 -5.52 31.47 0.77
CA GLN D 79 -4.71 31.68 1.98
C GLN D 79 -5.19 32.91 2.76
N PHE D 80 -5.46 32.69 4.04
CA PHE D 80 -5.95 33.73 4.93
C PHE D 80 -5.21 33.68 6.25
N LYS D 81 -4.92 34.84 6.82
CA LYS D 81 -4.39 34.91 8.18
C LYS D 81 -5.43 35.51 9.12
N PHE D 82 -5.58 34.91 10.30
CA PHE D 82 -6.46 35.45 11.33
C PHE D 82 -5.62 36.22 12.34
N ARG D 83 -5.77 37.54 12.34
CA ARG D 83 -4.91 38.41 13.16
C ARG D 83 -5.71 39.53 13.79
N ALA D 84 -5.15 40.14 14.83
CA ALA D 84 -5.71 41.34 15.44
C ALA D 84 -5.49 42.57 14.57
N LYS D 85 -6.58 43.26 14.26
CA LYS D 85 -6.52 44.51 13.53
C LYS D 85 -6.45 45.65 14.52
N PHE D 86 -7.04 45.44 15.70
CA PHE D 86 -7.09 46.46 16.74
C PHE D 86 -6.59 45.93 18.06
N PHE D 87 -6.10 46.84 18.90
CA PHE D 87 -5.48 46.51 20.17
C PHE D 87 -6.18 47.22 21.33
N PRO D 88 -6.32 46.53 22.48
CA PRO D 88 -6.94 47.09 23.67
C PRO D 88 -6.12 48.22 24.29
N GLU D 89 -6.79 49.07 25.07
CA GLU D 89 -6.11 50.11 25.84
C GLU D 89 -5.40 49.52 27.06
N ASP D 90 -5.96 48.47 27.63
CA ASP D 90 -5.29 47.70 28.67
C ASP D 90 -5.60 46.23 28.49
N VAL D 91 -4.56 45.43 28.30
CA VAL D 91 -4.74 43.99 28.08
C VAL D 91 -5.44 43.27 29.24
N SER D 92 -5.11 43.64 30.47
CA SER D 92 -5.53 42.92 31.66
C SER D 92 -7.05 42.97 31.95
N GLU D 93 -7.73 44.01 31.50
CA GLU D 93 -9.19 44.07 31.66
C GLU D 93 -9.97 43.97 30.36
N GLU D 94 -9.26 43.78 29.25
CA GLU D 94 -9.93 43.66 27.95
C GLU D 94 -9.75 42.29 27.32
N LEU D 95 -8.71 41.56 27.73
CA LEU D 95 -8.50 40.20 27.24
C LEU D 95 -8.94 39.19 28.29
N ILE D 96 -10.22 38.81 28.24
CA ILE D 96 -10.82 37.98 29.28
C ILE D 96 -10.57 36.50 29.03
N GLN D 97 -10.76 36.05 27.79
CA GLN D 97 -10.61 34.62 27.47
C GLN D 97 -9.16 34.23 27.30
N GLU D 98 -8.88 32.96 27.59
CA GLU D 98 -7.54 32.40 27.45
C GLU D 98 -7.11 32.43 25.99
N ILE D 99 -8.00 31.98 25.11
CA ILE D 99 -7.73 31.97 23.67
C ILE D 99 -7.26 33.34 23.15
N THR D 100 -7.97 34.39 23.52
CA THR D 100 -7.66 35.74 23.03
C THR D 100 -6.31 36.20 23.54
N GLN D 101 -6.02 35.87 24.79
CA GLN D 101 -4.75 36.23 25.42
C GLN D 101 -3.59 35.60 24.70
N ARG D 102 -3.72 34.30 24.39
CA ARG D 102 -2.70 33.56 23.66
C ARG D 102 -2.41 34.20 22.31
N LEU D 103 -3.47 34.46 21.56
CA LEU D 103 -3.34 34.98 20.20
C LEU D 103 -2.66 36.35 20.13
N PHE D 104 -2.99 37.24 21.06
CA PHE D 104 -2.32 38.53 21.16
C PHE D 104 -0.87 38.31 21.54
N PHE D 105 -0.65 37.46 22.55
CA PHE D 105 0.70 37.17 23.02
C PHE D 105 1.61 36.73 21.88
N LEU D 106 1.15 35.75 21.12
CA LEU D 106 1.94 35.22 20.01
C LEU D 106 2.15 36.25 18.91
N GLN D 107 1.08 36.96 18.54
CA GLN D 107 1.17 37.98 17.49
C GLN D 107 2.10 39.14 17.87
N VAL D 108 1.99 39.60 19.11
CA VAL D 108 2.85 40.66 19.62
C VAL D 108 4.32 40.22 19.64
N LYS D 109 4.55 39.00 20.14
CA LYS D 109 5.90 38.40 20.22
C LYS D 109 6.53 38.33 18.83
N GLU D 110 5.75 37.85 17.86
CA GLU D 110 6.14 37.83 16.45
C GLU D 110 6.58 39.22 15.98
N ALA D 111 5.80 40.24 16.32
CA ALA D 111 6.10 41.61 15.91
C ALA D 111 7.38 42.13 16.58
N ILE D 112 7.60 41.72 17.83
CA ILE D 112 8.80 42.10 18.57
C ILE D 112 10.03 41.50 17.91
N LEU D 113 9.96 40.19 17.66
CA LEU D 113 11.07 39.41 17.13
C LEU D 113 11.46 39.80 15.70
N ASN D 114 10.48 40.22 14.90
CA ASN D 114 10.73 40.67 13.53
C ASN D 114 11.07 42.15 13.40
N ASP D 115 11.34 42.79 14.55
CA ASP D 115 11.77 44.19 14.61
C ASP D 115 10.73 45.23 14.18
N GLU D 116 9.48 44.81 14.03
CA GLU D 116 8.42 45.75 13.67
C GLU D 116 7.99 46.62 14.85
N ILE D 117 8.14 46.09 16.06
CA ILE D 117 8.01 46.88 17.28
C ILE D 117 9.38 47.01 17.91
N TYR D 118 9.90 48.24 18.01
CA TYR D 118 11.20 48.45 18.64
C TYR D 118 11.19 48.05 20.11
N CYS D 119 12.09 47.15 20.47
CA CYS D 119 12.24 46.75 21.84
C CYS D 119 13.72 46.79 22.29
N PRO D 120 14.01 47.58 23.34
CA PRO D 120 15.36 47.74 23.90
C PRO D 120 15.89 46.44 24.54
N PRO D 121 17.23 46.23 24.51
CA PRO D 121 17.88 44.94 24.76
C PRO D 121 17.45 44.27 26.07
N GLU D 122 17.51 45.03 27.16
CA GLU D 122 17.25 44.50 28.50
C GLU D 122 15.79 44.10 28.68
N THR D 123 14.90 44.90 28.11
CA THR D 123 13.49 44.56 28.08
C THR D 123 13.27 43.29 27.25
N ALA D 124 13.93 43.22 26.10
CA ALA D 124 13.81 42.08 25.18
C ALA D 124 14.18 40.77 25.85
N VAL D 125 15.26 40.79 26.63
CA VAL D 125 15.68 39.63 27.42
C VAL D 125 14.62 39.28 28.46
N LEU D 126 14.07 40.29 29.15
CA LEU D 126 13.00 40.05 30.11
C LEU D 126 11.76 39.46 29.44
N LEU D 127 11.35 40.02 28.30
CA LEU D 127 10.21 39.48 27.53
C LEU D 127 10.47 38.04 27.07
N ALA D 128 11.67 37.79 26.57
CA ALA D 128 12.09 36.45 26.14
C ALA D 128 11.90 35.44 27.27
N SER D 129 12.23 35.85 28.50
CA SER D 129 12.15 34.96 29.66
C SER D 129 10.72 34.55 29.98
N TYR D 130 9.78 35.47 29.77
CA TYR D 130 8.36 35.14 29.90
C TYR D 130 7.90 34.23 28.77
N ALA D 131 8.41 34.45 27.56
CA ALA D 131 8.19 33.49 26.47
C ALA D 131 8.69 32.11 26.87
N VAL D 132 9.90 32.07 27.45
CA VAL D 132 10.52 30.83 27.92
C VAL D 132 9.69 30.11 29.01
N GLN D 133 9.28 30.85 30.03
CA GLN D 133 8.48 30.30 31.13
C GLN D 133 7.16 29.72 30.61
N ALA D 134 6.51 30.46 29.73
CA ALA D 134 5.25 30.04 29.14
C ALA D 134 5.39 28.74 28.35
N LYS D 135 6.46 28.60 27.57
CA LYS D 135 6.67 27.41 26.74
C LYS D 135 7.29 26.20 27.48
N TYR D 136 8.27 26.45 28.35
CA TYR D 136 9.01 25.36 29.00
C TYR D 136 8.51 24.96 30.39
N GLY D 137 7.58 25.74 30.96
CA GLY D 137 7.13 25.52 32.35
C GLY D 137 8.13 26.10 33.33
N ASP D 138 8.13 25.58 34.56
CA ASP D 138 9.07 26.04 35.60
C ASP D 138 10.48 25.58 35.29
N TYR D 139 11.46 26.40 35.68
CA TYR D 139 12.86 26.03 35.53
C TYR D 139 13.17 24.82 36.40
N ASN D 140 14.00 23.94 35.85
CA ASN D 140 14.41 22.70 36.49
C ASN D 140 15.81 22.34 36.02
N LYS D 141 16.76 22.32 36.97
CA LYS D 141 18.17 22.05 36.65
C LYS D 141 18.35 20.76 35.87
N GLU D 142 17.73 19.69 36.36
CA GLU D 142 17.78 18.36 35.74
C GLU D 142 17.42 18.40 34.25
N ILE D 143 16.30 19.05 33.93
CA ILE D 143 15.77 19.08 32.55
C ILE D 143 16.40 20.20 31.74
N HIS D 144 16.50 21.39 32.32
CA HIS D 144 16.95 22.56 31.57
C HIS D 144 18.46 22.82 31.64
N LYS D 145 19.22 21.86 31.13
CA LYS D 145 20.68 21.96 31.08
C LYS D 145 21.12 23.09 30.17
N PRO D 146 22.28 23.74 30.46
CA PRO D 146 22.77 24.83 29.61
C PRO D 146 22.75 24.44 28.13
N GLY D 147 22.13 25.29 27.33
CA GLY D 147 21.96 25.02 25.91
C GLY D 147 20.52 24.70 25.54
N TYR D 148 19.66 24.57 26.55
CA TYR D 148 18.28 24.16 26.33
C TYR D 148 17.47 25.15 25.49
N LEU D 149 17.96 26.38 25.36
CA LEU D 149 17.24 27.40 24.61
C LEU D 149 17.78 27.57 23.19
N ALA D 150 18.65 26.65 22.77
CA ALA D 150 19.36 26.76 21.51
C ALA D 150 18.50 26.59 20.27
N ASN D 151 17.38 25.90 20.40
CA ASN D 151 16.48 25.65 19.27
C ASN D 151 15.36 26.69 19.17
N ASP D 152 15.55 27.82 19.84
CA ASP D 152 14.50 28.80 20.06
C ASP D 152 14.92 30.18 19.58
N ARG D 153 14.05 30.84 18.81
CA ARG D 153 14.25 32.25 18.45
C ARG D 153 13.61 33.11 19.54
N LEU D 154 14.44 33.78 20.34
CA LEU D 154 13.96 34.47 21.53
C LEU D 154 14.16 35.98 21.52
N LEU D 155 15.07 36.44 20.67
CA LEU D 155 15.43 37.86 20.60
C LEU D 155 15.33 38.40 19.17
N PRO D 156 14.93 39.68 19.01
CA PRO D 156 14.97 40.31 17.70
C PRO D 156 16.38 40.39 17.16
N GLN D 157 16.51 40.29 15.84
CA GLN D 157 17.83 40.24 15.19
C GLN D 157 18.61 41.54 15.34
N ARG D 158 17.89 42.63 15.58
CA ARG D 158 18.49 43.93 15.85
C ARG D 158 19.33 43.92 17.12
N VAL D 159 18.82 43.28 18.18
CA VAL D 159 19.54 43.20 19.46
C VAL D 159 20.86 42.45 19.27
N LEU D 160 20.79 41.31 18.57
CA LEU D 160 21.93 40.43 18.37
C LEU D 160 23.00 41.07 17.47
N GLU D 161 22.55 41.71 16.39
CA GLU D 161 23.41 42.34 15.39
C GLU D 161 24.50 43.22 15.97
N GLN D 162 24.13 43.97 17.02
CA GLN D 162 25.03 44.95 17.62
C GLN D 162 26.02 44.28 18.57
N HIS D 163 25.55 43.93 19.76
CA HIS D 163 26.38 43.48 20.88
C HIS D 163 27.40 42.39 20.55
N LYS D 164 28.53 42.46 21.24
CA LYS D 164 29.61 41.48 21.15
C LYS D 164 29.14 40.09 21.57
N LEU D 165 28.18 40.02 22.49
CA LEU D 165 27.69 38.77 23.08
C LEU D 165 27.43 37.62 22.11
N THR D 166 27.96 36.45 22.46
CA THR D 166 27.76 35.22 21.71
C THR D 166 26.38 34.65 22.00
N LYS D 167 25.91 33.80 21.09
CA LYS D 167 24.58 33.19 21.17
C LYS D 167 24.28 32.52 22.51
N GLU D 168 25.22 31.70 22.99
CA GLU D 168 25.07 30.98 24.26
C GLU D 168 25.08 31.90 25.48
N GLN D 169 25.77 33.03 25.37
CA GLN D 169 25.76 34.03 26.43
C GLN D 169 24.39 34.69 26.57
N TRP D 170 23.78 34.99 25.42
CA TRP D 170 22.42 35.54 25.37
C TRP D 170 21.41 34.58 26.01
N GLU D 171 21.62 33.30 25.74
CA GLU D 171 20.78 32.24 26.29
C GLU D 171 20.89 32.17 27.80
N GLU D 172 22.13 32.28 28.28
CA GLU D 172 22.43 32.31 29.71
C GLU D 172 21.73 33.48 30.42
N ARG D 173 21.70 34.62 29.75
CA ARG D 173 21.03 35.81 30.24
C ARG D 173 19.51 35.66 30.34
N ILE D 174 18.90 34.99 29.37
CA ILE D 174 17.46 34.74 29.39
C ILE D 174 17.12 33.68 30.44
N GLN D 175 17.93 32.61 30.48
CA GLN D 175 17.83 31.55 31.48
C GLN D 175 17.86 32.08 32.91
N ASN D 176 18.70 33.06 33.18
CA ASN D 176 18.82 33.62 34.52
C ASN D 176 17.54 34.29 34.97
N TRP D 177 16.85 34.95 34.03
CA TRP D 177 15.51 35.48 34.29
C TRP D 177 14.49 34.35 34.43
N HIS D 178 14.55 33.38 33.51
CA HIS D 178 13.66 32.20 33.55
C HIS D 178 13.63 31.57 34.94
N GLU D 179 14.81 31.34 35.52
CA GLU D 179 14.93 30.73 36.85
C GLU D 179 14.11 31.44 37.92
N GLU D 180 13.95 32.76 37.77
CA GLU D 180 13.28 33.57 38.78
C GLU D 180 11.75 33.63 38.62
N HIS D 181 11.24 33.01 37.55
CA HIS D 181 9.80 32.97 37.29
C HIS D 181 9.06 31.71 37.74
N ARG D 182 9.70 30.86 38.55
CA ARG D 182 9.05 29.61 38.97
C ARG D 182 7.79 29.81 39.81
N GLY D 183 6.76 29.04 39.49
CA GLY D 183 5.46 29.18 40.13
C GLY D 183 4.52 29.95 39.24
N MET D 184 5.08 30.64 38.25
CA MET D 184 4.27 31.43 37.32
C MET D 184 3.58 30.56 36.27
N LEU D 185 2.25 30.55 36.31
CA LEU D 185 1.42 29.83 35.34
C LEU D 185 1.51 30.40 33.93
N ARG D 186 1.25 29.55 32.94
CA ARG D 186 1.41 29.90 31.54
C ARG D 186 0.61 31.15 31.15
N GLU D 187 -0.63 31.23 31.62
CA GLU D 187 -1.50 32.36 31.32
C GLU D 187 -0.94 33.62 31.94
N ASP D 188 -0.41 33.48 33.15
CA ASP D 188 0.18 34.61 33.86
C ASP D 188 1.43 35.16 33.17
N SER D 189 2.29 34.25 32.69
CA SER D 189 3.49 34.64 31.94
C SER D 189 3.15 35.41 30.68
N MET D 190 2.11 34.96 29.97
CA MET D 190 1.69 35.63 28.75
C MET D 190 1.11 37.02 29.04
N MET D 191 0.38 37.14 30.14
CA MET D 191 -0.15 38.42 30.59
C MET D 191 0.92 39.39 31.07
N GLU D 192 1.99 38.87 31.65
CA GLU D 192 3.09 39.71 32.06
C GLU D 192 3.87 40.20 30.86
N TYR D 193 4.03 39.33 29.87
CA TYR D 193 4.68 39.66 28.61
C TYR D 193 3.93 40.84 27.98
N LEU D 194 2.61 40.71 27.91
CA LEU D 194 1.76 41.71 27.29
C LEU D 194 1.74 43.03 28.07
N LYS D 195 1.71 42.95 29.38
CA LYS D 195 1.73 44.15 30.22
C LYS D 195 3.00 44.96 29.96
N ILE D 196 4.12 44.28 29.81
CA ILE D 196 5.38 44.94 29.51
C ILE D 196 5.38 45.46 28.07
N ALA D 197 4.78 44.70 27.16
CA ALA D 197 4.79 45.04 25.74
C ALA D 197 3.91 46.24 25.45
N GLN D 198 2.77 46.34 26.13
CA GLN D 198 1.80 47.38 25.83
C GLN D 198 2.33 48.78 26.10
N ASP D 199 3.35 48.88 26.94
CA ASP D 199 3.97 50.15 27.29
C ASP D 199 5.13 50.55 26.37
N LEU D 200 5.41 49.75 25.34
CA LEU D 200 6.40 50.11 24.34
C LEU D 200 5.81 51.14 23.38
N GLU D 201 6.64 52.10 23.00
CA GLU D 201 6.25 53.21 22.14
C GLU D 201 5.57 52.80 20.82
N MET D 202 6.01 51.71 20.20
CA MET D 202 5.48 51.30 18.90
C MET D 202 4.31 50.33 18.98
N TYR D 203 4.05 49.81 20.18
CA TYR D 203 2.99 48.83 20.38
C TYR D 203 1.63 49.39 19.98
N GLY D 204 0.90 48.62 19.18
CA GLY D 204 -0.48 48.95 18.85
C GLY D 204 -0.70 50.13 17.94
N VAL D 205 0.36 50.69 17.38
CA VAL D 205 0.23 51.81 16.43
C VAL D 205 0.62 51.41 15.01
N ASN D 206 -0.26 51.74 14.06
CA ASN D 206 0.02 51.54 12.64
C ASN D 206 0.64 52.80 12.07
N TYR D 207 1.79 52.64 11.41
CA TYR D 207 2.51 53.77 10.83
C TYR D 207 2.24 53.90 9.34
N PHE D 208 2.17 55.15 8.88
CA PHE D 208 1.88 55.46 7.48
C PHE D 208 2.67 56.67 7.04
N GLU D 209 3.31 56.57 5.88
CA GLU D 209 4.02 57.70 5.29
C GLU D 209 3.02 58.77 4.91
N ILE D 210 3.24 59.97 5.42
CA ILE D 210 2.40 61.13 5.10
C ILE D 210 3.29 62.33 4.78
N LYS D 211 2.65 63.45 4.43
CA LYS D 211 3.35 64.74 4.25
C LYS D 211 2.45 65.97 4.48
N ASN D 212 3.06 67.10 4.86
CA ASN D 212 2.37 68.41 4.90
C ASN D 212 2.42 69.07 3.54
N LYS D 213 1.69 70.17 3.36
CA LYS D 213 1.60 70.88 2.07
C LYS D 213 3.00 71.10 1.47
N LYS D 214 3.93 71.48 2.35
CA LYS D 214 5.31 71.79 2.00
C LYS D 214 6.09 70.60 1.43
N GLY D 215 5.67 69.37 1.73
CA GLY D 215 6.30 68.17 1.17
C GLY D 215 7.29 67.45 2.07
N THR D 216 7.29 67.78 3.36
CA THR D 216 8.10 67.10 4.36
C THR D 216 7.56 65.70 4.64
N GLU D 217 8.42 64.69 4.52
CA GLU D 217 8.03 63.34 4.88
C GLU D 217 7.84 63.24 6.40
N LEU D 218 6.71 62.65 6.79
CA LEU D 218 6.39 62.39 8.20
C LEU D 218 5.72 61.03 8.37
N TRP D 219 5.44 60.65 9.61
CA TRP D 219 4.71 59.43 9.91
C TRP D 219 3.41 59.79 10.62
N LEU D 220 2.34 59.10 10.24
CA LEU D 220 1.07 59.19 10.96
C LEU D 220 0.90 57.90 11.73
N GLY D 221 0.50 58.01 12.98
CA GLY D 221 0.25 56.87 13.83
C GLY D 221 -1.20 56.78 14.24
N VAL D 222 -1.80 55.62 14.02
CA VAL D 222 -3.18 55.32 14.45
C VAL D 222 -3.14 54.21 15.49
N ASP D 223 -3.74 54.46 16.65
CA ASP D 223 -3.79 53.48 17.71
C ASP D 223 -5.07 53.60 18.53
N ALA D 224 -5.20 52.76 19.56
CA ALA D 224 -6.37 52.71 20.43
C ALA D 224 -6.74 54.08 21.02
N LEU D 225 -5.73 54.92 21.23
CA LEU D 225 -5.86 56.17 21.98
C LEU D 225 -6.06 57.42 21.14
N GLY D 226 -5.69 57.37 19.87
CA GLY D 226 -5.87 58.50 18.96
C GLY D 226 -4.86 58.50 17.85
N LEU D 227 -4.66 59.67 17.24
CA LEU D 227 -3.66 59.83 16.19
C LEU D 227 -2.44 60.56 16.74
N ASN D 228 -1.29 60.29 16.13
CA ASN D 228 -0.06 61.01 16.47
C ASN D 228 0.78 61.24 15.22
N ILE D 229 1.43 62.39 15.14
CA ILE D 229 2.35 62.66 14.04
C ILE D 229 3.79 62.54 14.54
N TYR D 230 4.59 61.83 13.77
CA TYR D 230 5.96 61.57 14.11
C TYR D 230 6.87 62.21 13.07
N GLU D 231 8.04 62.65 13.51
CA GLU D 231 9.07 63.10 12.59
C GLU D 231 9.60 61.86 11.89
N HIS D 232 10.03 62.02 10.65
CA HIS D 232 10.38 60.92 9.77
C HIS D 232 11.38 59.91 10.33
N ASP D 233 12.40 60.41 11.02
CA ASP D 233 13.47 59.54 11.50
C ASP D 233 13.28 59.15 12.97
N ASP D 234 12.03 59.15 13.44
CA ASP D 234 11.75 58.86 14.84
C ASP D 234 10.31 58.39 15.04
N LYS D 235 10.14 57.09 15.19
CA LYS D 235 8.82 56.51 15.37
C LYS D 235 8.46 56.35 16.85
N LEU D 236 9.40 56.68 17.73
CA LEU D 236 9.22 56.47 19.17
C LEU D 236 8.59 57.65 19.92
N THR D 237 8.65 58.84 19.33
CA THR D 237 8.23 60.05 20.03
C THR D 237 7.32 60.94 19.20
N PRO D 238 6.03 61.04 19.61
CA PRO D 238 4.99 61.79 18.90
C PRO D 238 5.16 63.29 19.08
N LYS D 239 5.08 64.03 17.98
CA LYS D 239 5.27 65.48 18.01
C LYS D 239 3.96 66.25 18.20
N ILE D 240 2.89 65.72 17.61
CA ILE D 240 1.54 66.26 17.79
C ILE D 240 0.61 65.08 18.04
N GLY D 241 -0.37 65.26 18.92
CA GLY D 241 -1.33 64.19 19.22
C GLY D 241 -2.79 64.59 19.11
N PHE D 242 -3.61 63.71 18.52
CA PHE D 242 -5.05 63.94 18.37
C PHE D 242 -5.85 62.84 19.08
N PRO D 243 -6.22 63.06 20.37
CA PRO D 243 -7.05 62.09 21.08
C PRO D 243 -8.43 61.90 20.44
N TRP D 244 -8.90 60.65 20.38
CA TRP D 244 -10.18 60.32 19.76
C TRP D 244 -11.31 61.16 20.32
N SER D 245 -11.24 61.44 21.62
CA SER D 245 -12.22 62.28 22.32
C SER D 245 -12.31 63.68 21.71
N GLU D 246 -11.22 64.18 21.14
CA GLU D 246 -11.22 65.50 20.50
C GLU D 246 -11.73 65.51 19.06
N ILE D 247 -11.93 64.32 18.48
CA ILE D 247 -12.16 64.18 17.03
C ILE D 247 -13.61 63.92 16.66
N ARG D 248 -14.14 64.74 15.75
CA ARG D 248 -15.53 64.59 15.32
C ARG D 248 -15.67 63.65 14.14
N ASN D 249 -14.75 63.76 13.18
CA ASN D 249 -14.83 63.01 11.92
C ASN D 249 -13.52 63.01 11.13
N ILE D 250 -13.24 61.87 10.49
CA ILE D 250 -12.10 61.71 9.59
C ILE D 250 -12.65 61.31 8.22
N SER D 251 -12.20 62.02 7.19
CA SER D 251 -12.49 61.61 5.82
C SER D 251 -11.26 61.83 4.95
N PHE D 252 -11.26 61.21 3.77
CA PHE D 252 -10.23 61.46 2.78
C PHE D 252 -10.78 61.51 1.37
N ASN D 253 -10.22 62.42 0.59
CA ASN D 253 -10.52 62.50 -0.82
C ASN D 253 -9.19 62.38 -1.52
N ASP D 254 -9.02 61.31 -2.29
CA ASP D 254 -7.83 61.08 -3.11
C ASP D 254 -6.57 60.94 -2.25
N LYS D 255 -5.83 62.02 -2.04
CA LYS D 255 -4.60 61.97 -1.26
C LYS D 255 -4.67 62.88 -0.01
N LYS D 256 -5.72 63.69 0.07
CA LYS D 256 -5.87 64.65 1.16
C LYS D 256 -6.79 64.12 2.26
N PHE D 257 -6.26 64.02 3.48
CA PHE D 257 -7.08 63.65 4.62
C PHE D 257 -7.52 64.88 5.36
N VAL D 258 -8.69 64.80 5.98
CA VAL D 258 -9.23 65.92 6.76
C VAL D 258 -9.70 65.44 8.13
N ILE D 259 -9.19 66.08 9.18
CA ILE D 259 -9.62 65.79 10.54
C ILE D 259 -10.42 66.98 11.08
N LYS D 260 -11.70 66.75 11.26
CA LYS D 260 -12.59 67.75 11.83
C LYS D 260 -12.67 67.57 13.34
N PRO D 261 -12.49 68.67 14.09
CA PRO D 261 -12.57 68.65 15.55
C PRO D 261 -13.99 68.72 16.11
N ILE D 262 -14.13 68.28 17.36
CA ILE D 262 -15.35 68.50 18.16
C ILE D 262 -15.46 69.98 18.56
N ASP D 263 -14.32 70.61 18.82
CA ASP D 263 -14.24 72.00 19.26
C ASP D 263 -15.15 72.95 18.48
N LYS D 264 -15.44 72.61 17.22
CA LYS D 264 -16.36 73.36 16.34
C LYS D 264 -15.87 74.77 15.96
N LYS D 265 -15.25 75.46 16.91
CA LYS D 265 -14.64 76.74 16.62
C LYS D 265 -13.12 76.57 16.50
N ALA D 266 -12.71 75.43 15.93
CA ALA D 266 -11.30 75.12 15.67
C ALA D 266 -11.13 74.63 14.22
N PRO D 267 -9.96 74.88 13.62
CA PRO D 267 -9.78 74.60 12.19
C PRO D 267 -9.46 73.14 11.87
N ASP D 268 -10.00 72.66 10.76
CA ASP D 268 -9.71 71.32 10.25
C ASP D 268 -8.22 71.10 10.07
N PHE D 269 -7.73 69.97 10.56
CA PHE D 269 -6.36 69.55 10.33
C PHE D 269 -6.30 68.77 9.03
N VAL D 270 -5.49 69.24 8.07
CA VAL D 270 -5.33 68.50 6.84
C VAL D 270 -3.92 67.94 6.73
N PHE D 271 -3.82 66.70 6.27
CA PHE D 271 -2.55 66.08 5.91
C PHE D 271 -2.69 65.29 4.62
N TYR D 272 -1.56 64.98 3.99
CA TYR D 272 -1.56 64.32 2.71
C TYR D 272 -1.00 62.90 2.83
N ALA D 273 -1.52 61.97 2.03
CA ALA D 273 -1.07 60.58 2.05
C ALA D 273 -1.10 59.97 0.65
N PRO D 274 0.06 59.52 0.14
CA PRO D 274 0.22 59.23 -1.29
C PRO D 274 -0.52 57.96 -1.71
N ARG D 275 0.12 56.80 -1.53
CA ARG D 275 -0.41 55.51 -1.97
C ARG D 275 -1.89 55.36 -1.61
N LEU D 276 -2.74 55.42 -2.63
CA LEU D 276 -4.20 55.43 -2.47
C LEU D 276 -4.77 54.11 -1.94
N ARG D 277 -4.14 52.99 -2.33
CA ARG D 277 -4.51 51.67 -1.83
C ARG D 277 -4.49 51.64 -0.29
N ILE D 278 -3.49 52.30 0.28
CA ILE D 278 -3.27 52.34 1.73
C ILE D 278 -4.29 53.23 2.45
N ASN D 279 -4.80 54.26 1.77
CA ASN D 279 -5.72 55.21 2.40
C ASN D 279 -7.01 54.61 2.92
N LYS D 280 -7.56 53.63 2.20
CA LYS D 280 -8.69 52.86 2.69
C LYS D 280 -8.42 52.28 4.08
N ARG D 281 -7.24 51.67 4.23
CA ARG D 281 -6.83 51.06 5.49
C ARG D 281 -6.70 52.11 6.60
N ILE D 282 -6.10 53.26 6.26
CA ILE D 282 -5.96 54.34 7.23
C ILE D 282 -7.35 54.74 7.75
N LEU D 283 -8.27 54.95 6.81
CA LEU D 283 -9.64 55.35 7.15
C LEU D 283 -10.34 54.27 7.96
N ALA D 284 -10.15 53.00 7.57
CA ALA D 284 -10.75 51.88 8.30
C ALA D 284 -10.25 51.77 9.75
N LEU D 285 -8.92 51.83 9.91
CA LEU D 285 -8.30 51.80 11.23
C LEU D 285 -8.76 52.97 12.11
N CYS D 286 -9.03 54.11 11.50
CA CYS D 286 -9.55 55.27 12.25
C CYS D 286 -10.98 55.04 12.72
N MET D 287 -11.87 54.60 11.82
CA MET D 287 -13.25 54.29 12.18
C MET D 287 -13.30 53.31 13.35
N GLY D 288 -12.52 52.24 13.23
CA GLY D 288 -12.50 51.15 14.20
C GLY D 288 -11.98 51.55 15.57
N ASN D 289 -10.84 52.25 15.60
CA ASN D 289 -10.26 52.68 16.87
C ASN D 289 -11.11 53.71 17.60
N HIS D 290 -11.67 54.65 16.86
CA HIS D 290 -12.58 55.65 17.40
C HIS D 290 -13.81 55.02 18.04
N GLU D 291 -14.38 54.00 17.39
CA GLU D 291 -15.58 53.35 17.93
C GLU D 291 -15.30 52.61 19.24
N LEU D 292 -14.29 51.73 19.22
CA LEU D 292 -13.87 50.99 20.41
C LEU D 292 -13.50 51.91 21.56
N TYR D 293 -12.92 53.06 21.22
CA TYR D 293 -12.65 54.12 22.18
C TYR D 293 -13.93 54.57 22.88
N MET D 294 -14.89 55.06 22.10
CA MET D 294 -16.15 55.58 22.65
C MET D 294 -16.97 54.49 23.37
N ARG D 295 -16.95 53.27 22.84
CA ARG D 295 -17.70 52.17 23.43
C ARG D 295 -17.12 51.74 24.77
N ARG D 296 -15.82 51.95 24.97
CA ARG D 296 -15.21 51.71 26.28
C ARG D 296 -15.69 52.74 27.32
N ARG D 297 -16.69 53.53 26.93
CA ARG D 297 -17.36 54.44 27.86
C ARG D 297 -18.90 54.25 27.86
N LYS D 298 -19.59 54.94 26.95
CA LYS D 298 -21.07 54.91 26.83
C LYS D 298 -21.84 54.25 28.01
N LYS E 11 -18.35 -7.99 22.74
CA LYS E 11 -17.22 -8.93 22.48
C LYS E 11 -16.37 -9.18 23.73
N ARG E 12 -16.46 -10.39 24.26
CA ARG E 12 -15.59 -10.86 25.33
C ARG E 12 -15.31 -12.34 25.10
N ALA E 13 -14.04 -12.71 25.08
CA ALA E 13 -13.62 -14.08 24.79
C ALA E 13 -14.41 -15.09 25.64
N PRO E 14 -14.84 -16.22 25.01
CA PRO E 14 -15.63 -17.23 25.72
C PRO E 14 -14.95 -17.68 27.02
N GLN E 15 -15.69 -17.64 28.12
CA GLN E 15 -15.14 -17.99 29.42
C GLN E 15 -14.79 -19.48 29.47
N MET E 16 -13.58 -19.79 29.92
CA MET E 16 -13.08 -21.16 29.96
C MET E 16 -11.87 -21.30 30.91
N ASP E 17 -11.50 -22.54 31.21
CA ASP E 17 -10.33 -22.84 32.05
C ASP E 17 -9.09 -23.00 31.19
N TRP E 18 -7.92 -23.03 31.84
CA TRP E 18 -6.63 -22.95 31.17
C TRP E 18 -6.23 -24.12 30.27
N ASN E 19 -6.58 -25.35 30.69
CA ASN E 19 -6.29 -26.54 29.88
C ASN E 19 -7.01 -26.46 28.54
N ARG E 20 -8.25 -25.97 28.59
CA ARG E 20 -9.08 -25.74 27.42
C ARG E 20 -8.47 -24.71 26.47
N LYS E 21 -7.86 -23.67 27.06
CA LYS E 21 -7.21 -22.61 26.29
C LYS E 21 -6.05 -23.17 25.48
N ARG E 22 -5.14 -23.89 26.16
CA ARG E 22 -4.03 -24.56 25.48
C ARG E 22 -4.51 -25.51 24.40
N GLU E 23 -5.60 -26.22 24.69
CA GLU E 23 -6.17 -27.18 23.76
C GLU E 23 -6.63 -26.50 22.46
N ILE E 24 -7.48 -25.48 22.60
CA ILE E 24 -8.06 -24.77 21.46
C ILE E 24 -6.98 -24.06 20.66
N PHE E 25 -6.04 -23.45 21.37
CA PHE E 25 -4.91 -22.75 20.74
C PHE E 25 -4.11 -23.67 19.84
N SER E 26 -3.82 -24.87 20.33
CA SER E 26 -3.10 -25.89 19.58
C SER E 26 -3.92 -26.41 18.41
N ASN E 27 -5.24 -26.36 18.55
CA ASN E 27 -6.15 -26.86 17.54
C ASN E 27 -6.18 -26.01 16.28
N PHE E 28 -6.11 -24.69 16.44
CA PHE E 28 -6.16 -23.75 15.31
C PHE E 28 -5.20 -24.17 14.18
N LYS F 11 20.19 7.34 -18.31
CA LYS F 11 19.13 8.33 -18.66
C LYS F 11 18.41 8.85 -17.41
N ARG F 12 18.93 9.94 -16.87
CA ARG F 12 18.33 10.64 -15.73
C ARG F 12 17.99 12.07 -16.15
N ALA F 13 17.05 12.69 -15.43
CA ALA F 13 16.77 14.11 -15.61
C ALA F 13 17.89 14.91 -14.94
N PRO F 14 18.21 16.11 -15.48
CA PRO F 14 19.26 16.97 -14.88
C PRO F 14 19.13 17.11 -13.36
N GLN F 15 20.26 17.13 -12.66
CA GLN F 15 20.28 17.15 -11.20
C GLN F 15 20.16 18.56 -10.59
N MET F 16 19.09 19.25 -10.99
CA MET F 16 18.75 20.59 -10.49
C MET F 16 18.25 20.57 -9.04
N ASP F 17 17.96 21.74 -8.48
CA ASP F 17 17.37 21.83 -7.14
C ASP F 17 15.86 22.10 -7.20
N TRP F 18 15.18 21.94 -6.06
CA TRP F 18 13.72 21.96 -6.01
C TRP F 18 13.05 23.28 -6.43
N ASN F 19 13.86 24.31 -6.66
CA ASN F 19 13.35 25.60 -7.13
C ASN F 19 13.25 25.67 -8.65
N ARG F 20 14.34 25.31 -9.35
CA ARG F 20 14.33 25.19 -10.80
C ARG F 20 13.39 24.06 -11.25
N LYS F 21 13.07 23.16 -10.31
CA LYS F 21 12.08 22.12 -10.53
C LYS F 21 10.67 22.71 -10.65
N ARG F 22 10.36 23.71 -9.82
CA ARG F 22 9.07 24.39 -9.87
C ARG F 22 8.96 25.26 -11.10
N GLU F 23 10.03 26.00 -11.40
CA GLU F 23 10.12 26.87 -12.58
C GLU F 23 9.77 26.11 -13.84
N ILE F 24 10.57 25.08 -14.14
CA ILE F 24 10.42 24.30 -15.37
C ILE F 24 9.04 23.68 -15.52
N PHE F 25 8.52 23.10 -14.44
CA PHE F 25 7.20 22.46 -14.43
C PHE F 25 6.03 23.42 -14.73
N SER F 26 6.17 24.68 -14.33
CA SER F 26 5.12 25.67 -14.57
C SER F 26 5.21 26.32 -15.95
N ASN F 27 6.37 26.21 -16.59
CA ASN F 27 6.56 26.79 -17.91
C ASN F 27 6.15 25.90 -19.08
N PHE F 28 6.16 24.58 -18.86
CA PHE F 28 5.73 23.62 -19.88
C PHE F 28 4.39 24.00 -20.52
N ARG G 12 -2.45 -59.96 -11.24
CA ARG G 12 -1.66 -60.46 -12.40
C ARG G 12 -2.15 -61.84 -12.91
N ALA G 13 -1.44 -62.39 -13.89
CA ALA G 13 -1.87 -63.57 -14.64
C ALA G 13 -1.35 -64.92 -14.10
N PRO G 14 -2.20 -65.97 -14.12
CA PRO G 14 -1.79 -67.32 -13.68
C PRO G 14 -0.62 -67.87 -14.50
N GLN G 15 0.13 -68.80 -13.91
CA GLN G 15 1.32 -69.38 -14.56
C GLN G 15 1.02 -70.77 -15.15
N MET G 16 1.44 -70.97 -16.39
CA MET G 16 1.23 -72.23 -17.13
C MET G 16 2.16 -72.29 -18.36
N ASP G 17 2.16 -73.41 -19.06
CA ASP G 17 2.98 -73.54 -20.27
C ASP G 17 2.13 -73.42 -21.55
N TRP G 18 2.82 -73.20 -22.66
CA TRP G 18 2.22 -72.73 -23.91
C TRP G 18 1.14 -73.62 -24.53
N ASN G 19 1.14 -74.90 -24.16
CA ASN G 19 0.10 -75.81 -24.63
C ASN G 19 -1.23 -75.58 -23.91
N ARG G 20 -1.15 -75.35 -22.60
CA ARG G 20 -2.34 -75.08 -21.79
C ARG G 20 -2.86 -73.66 -22.07
N LYS G 21 -1.95 -72.76 -22.41
CA LYS G 21 -2.32 -71.40 -22.83
C LYS G 21 -3.20 -71.46 -24.08
N ARG G 22 -2.74 -72.21 -25.07
CA ARG G 22 -3.46 -72.42 -26.33
C ARG G 22 -4.88 -72.97 -26.15
N GLU G 23 -5.00 -74.03 -25.35
CA GLU G 23 -6.30 -74.69 -25.16
C GLU G 23 -7.27 -73.91 -24.27
N ILE G 24 -6.75 -73.17 -23.31
CA ILE G 24 -7.57 -72.28 -22.48
C ILE G 24 -8.11 -71.14 -23.36
N PHE G 25 -7.25 -70.59 -24.20
CA PHE G 25 -7.65 -69.62 -25.22
C PHE G 25 -8.67 -70.25 -26.17
N SER G 26 -8.41 -71.48 -26.61
CA SER G 26 -9.30 -72.21 -27.50
C SER G 26 -10.72 -72.36 -26.92
N ASN G 27 -10.81 -72.74 -25.64
CA ASN G 27 -12.09 -72.98 -24.98
C ASN G 27 -12.95 -71.75 -24.76
N PHE G 28 -12.31 -70.63 -24.43
CA PHE G 28 -13.00 -69.37 -24.10
C PHE G 28 -14.23 -69.10 -24.97
N ARG H 12 3.71 60.03 25.63
CA ARG H 12 2.64 60.66 24.79
C ARG H 12 2.92 62.13 24.44
N ALA H 13 2.07 62.71 23.59
CA ALA H 13 2.29 64.03 22.97
C ALA H 13 2.06 65.23 23.91
N PRO H 14 2.74 66.37 23.63
CA PRO H 14 2.49 67.57 24.45
C PRO H 14 1.19 68.28 24.04
N GLN H 15 0.29 68.48 25.00
CA GLN H 15 -1.06 69.00 24.71
C GLN H 15 -1.03 70.45 24.23
N MET H 16 -1.90 70.76 23.26
CA MET H 16 -1.96 72.06 22.62
C MET H 16 -3.29 72.24 21.87
N ASP H 17 -3.64 73.49 21.57
CA ASP H 17 -4.83 73.78 20.78
C ASP H 17 -4.58 73.40 19.31
N TRP H 18 -5.66 73.23 18.57
CA TRP H 18 -5.61 72.80 17.17
C TRP H 18 -4.91 73.76 16.20
N ASN H 19 -4.93 75.06 16.53
CA ASN H 19 -4.21 76.08 15.74
C ASN H 19 -2.68 75.94 15.83
N ARG H 20 -2.21 75.61 17.03
CA ARG H 20 -0.79 75.30 17.24
C ARG H 20 -0.43 73.96 16.59
N LYS H 21 -1.36 73.01 16.65
CA LYS H 21 -1.21 71.72 15.99
C LYS H 21 -0.99 71.89 14.50
N ARG H 22 -1.85 72.69 13.88
CA ARG H 22 -1.75 73.00 12.45
C ARG H 22 -0.48 73.79 12.14
N GLU H 23 -0.16 74.76 12.99
CA GLU H 23 1.01 75.61 12.81
C GLU H 23 2.31 74.83 12.88
N ILE H 24 2.44 73.95 13.89
CA ILE H 24 3.63 73.10 14.01
C ILE H 24 3.77 72.22 12.78
N PHE H 25 2.67 71.57 12.41
CA PHE H 25 2.64 70.65 11.28
C PHE H 25 3.13 71.28 9.98
N SER H 26 2.74 72.54 9.75
CA SER H 26 3.15 73.25 8.54
C SER H 26 4.65 73.47 8.49
N ASN H 27 5.26 73.57 9.65
CA ASN H 27 6.67 73.92 9.77
C ASN H 27 7.66 72.73 9.69
N PHE H 28 7.15 71.51 9.78
CA PHE H 28 8.03 70.33 9.79
C PHE H 28 8.92 70.24 8.56
#